data_6F7V
#
_entry.id   6F7V
#
_cell.length_a   124.834
_cell.length_b   124.834
_cell.length_c   157.392
_cell.angle_alpha   90.000
_cell.angle_beta   90.000
_cell.angle_gamma   90.000
#
_symmetry.space_group_name_H-M   'P 41 21 2'
#
loop_
_entity.id
_entity.type
_entity.pdbx_description
1 polymer LkcE
2 non-polymer 'FLAVIN-ADENINE DINUCLEOTIDE'
3 non-polymer 'CALCIUM ION'
4 non-polymer '[(2~{S},5~{R},8~{S},11~{S})-1-[(2~{R},3~{R},5~{R},6~{S})-3,5-dimethyl-6-oxidanyl-4-oxidanylidene-oxan-2-yl]-5,11-dimeth yl-8-oxidanyl-13-[[(2~{S})-2-oxidanylpropanoyl]amino]tridecan-2-yl] ethanoate'
5 non-polymer GLYCEROL
6 water water
#
_entity_poly.entity_id   1
_entity_poly.type   'polypeptide(L)'
_entity_poly.pdbx_seq_one_letter_code
;GPGSMTVVEAKSRIAVVGGGGSGSVAAWLLARRHDVTLFEADEYLGGHAYSHPVETDQGTLHVDMGVQHFNEKLSPNLFR
LLTDFGIGTYVAPSSVHVDFPGEQQSWNNLDFLGELREELHEEFDRFHQEMNQLPTSGDDSYKQMSIGEYLDKHGYSKSF
KYKAMNPILSIYSGCHAPSLDYNLMYVALSFSMNLLSFFSAGYWRKAQGGIHSYLARIESDLGERVRLNTPVEAVVPTQS
GVTVLAGGQEHHFDQVVFATHADVTLRLLRTSDQQYRDLLGDFAYVPVESVLHQDESWLSPAGGGAYCQFRMPEGFELAR
AEEQMGSLTRNCNVLHPYRKVSSPILITFDPQEDVDPERVIVRREWKLPQLRPVDVRRKKRLHEIQGLNGLWFCGTDTSV
TGHEGAIVSGMVIADRLGVPHPFPDDAPAAAQFRGIKEFMGV
;
_entity_poly.pdbx_strand_id   A,B
#
loop_
_chem_comp.id
_chem_comp.type
_chem_comp.name
_chem_comp.formula
CA non-polymer 'CALCIUM ION' 'Ca 2'
CWH non-polymer '[(2~{S},5~{R},8~{S},11~{S})-1-[(2~{R},3~{R},5~{R},6~{S})-3,5-dimethyl-6-oxidanyl-4-oxidanylidene-oxan-2-yl]-5,11-dimeth yl-8-oxidanyl-13-[[(2~{S})-2-oxidanylpropanoyl]amino]tridecan-2-yl] ethanoate' 'C27 H49 N O8'
FAD non-polymer 'FLAVIN-ADENINE DINUCLEOTIDE' 'C27 H33 N9 O15 P2'
GOL non-polymer GLYCEROL 'C3 H8 O3'
#
# COMPACT_ATOMS: atom_id res chain seq x y z
N VAL A 8 -5.88 16.26 -38.97
CA VAL A 8 -4.42 16.23 -39.24
C VAL A 8 -4.00 14.99 -40.05
N GLU A 9 -3.82 15.17 -41.35
CA GLU A 9 -3.49 14.07 -42.26
C GLU A 9 -2.07 13.52 -42.03
N ALA A 10 -1.83 12.32 -42.53
CA ALA A 10 -0.54 11.63 -42.42
C ALA A 10 0.63 12.44 -42.98
N LYS A 11 1.85 12.02 -42.65
CA LYS A 11 3.11 12.63 -43.13
C LYS A 11 3.15 14.19 -43.15
N SER A 12 2.57 14.82 -42.14
CA SER A 12 2.71 16.27 -41.94
C SER A 12 4.05 16.58 -41.31
N ARG A 13 4.58 17.78 -41.57
CA ARG A 13 5.83 18.24 -40.95
C ARG A 13 5.47 18.76 -39.53
N ILE A 14 6.03 18.14 -38.49
CA ILE A 14 5.67 18.45 -37.09
C ILE A 14 6.89 18.75 -36.22
N ALA A 15 6.81 19.85 -35.48
CA ALA A 15 7.85 20.22 -34.52
C ALA A 15 7.44 19.88 -33.08
N VAL A 16 8.38 19.33 -32.32
CA VAL A 16 8.19 19.14 -30.90
C VAL A 16 9.18 20.08 -30.22
N VAL A 17 8.62 21.02 -29.47
CA VAL A 17 9.40 22.05 -28.82
C VAL A 17 9.59 21.64 -27.37
N GLY A 18 10.83 21.27 -27.03
CA GLY A 18 11.18 20.79 -25.69
C GLY A 18 11.45 19.29 -25.67
N GLY A 19 12.64 18.90 -25.19
CA GLY A 19 13.07 17.49 -25.20
C GLY A 19 13.18 16.85 -23.83
N GLY A 20 12.23 17.17 -22.94
CA GLY A 20 12.12 16.45 -21.69
C GLY A 20 11.47 15.10 -21.94
N GLY A 21 11.03 14.43 -20.88
CA GLY A 21 10.31 13.17 -21.04
C GLY A 21 9.10 13.30 -21.95
N SER A 22 8.26 14.31 -21.71
CA SER A 22 7.02 14.50 -22.47
C SER A 22 7.32 14.65 -23.96
N GLY A 23 8.23 15.59 -24.27
CA GLY A 23 8.59 15.87 -25.66
C GLY A 23 9.21 14.69 -26.39
N SER A 24 10.27 14.14 -25.78
CA SER A 24 10.97 12.98 -26.34
C SER A 24 10.00 11.83 -26.66
N VAL A 25 9.16 11.45 -25.71
CA VAL A 25 8.19 10.38 -25.97
C VAL A 25 7.27 10.80 -27.08
N ALA A 26 6.73 12.02 -27.01
CA ALA A 26 5.83 12.52 -28.04
C ALA A 26 6.48 12.49 -29.43
N ALA A 27 7.72 12.94 -29.52
CA ALA A 27 8.49 12.90 -30.78
C ALA A 27 8.64 11.48 -31.30
N TRP A 28 9.16 10.62 -30.44
CA TRP A 28 9.36 9.20 -30.70
C TRP A 28 8.16 8.50 -31.32
N LEU A 29 6.98 8.76 -30.77
CA LEU A 29 5.74 8.18 -31.32
C LEU A 29 5.35 8.85 -32.62
N LEU A 30 5.42 10.17 -32.64
CA LEU A 30 5.03 10.94 -33.82
C LEU A 30 5.86 10.56 -35.06
N ALA A 31 7.16 10.28 -34.86
CA ALA A 31 8.09 9.93 -35.96
C ALA A 31 7.70 8.66 -36.73
N ARG A 32 6.82 7.86 -36.16
CA ARG A 32 6.30 6.70 -36.84
C ARG A 32 5.33 7.04 -37.98
N ARG A 33 4.77 8.24 -37.97
CA ARG A 33 3.76 8.65 -38.96
C ARG A 33 4.06 9.97 -39.66
N HIS A 34 5.00 10.76 -39.14
CA HIS A 34 5.11 12.17 -39.51
C HIS A 34 6.59 12.54 -39.66
N ASP A 35 6.90 13.64 -40.33
CA ASP A 35 8.29 14.10 -40.37
C ASP A 35 8.47 15.03 -39.18
N VAL A 36 9.15 14.50 -38.16
CA VAL A 36 9.23 15.13 -36.87
C VAL A 36 10.60 15.74 -36.70
N THR A 37 10.63 16.95 -36.14
CA THR A 37 11.85 17.55 -35.62
C THR A 37 11.61 17.90 -34.16
N LEU A 38 12.63 17.67 -33.33
CA LEU A 38 12.52 17.86 -31.89
C LEU A 38 13.60 18.85 -31.47
N PHE A 39 13.18 20.03 -31.00
CA PHE A 39 14.11 21.04 -30.52
C PHE A 39 14.25 20.92 -29.02
N GLU A 40 15.48 20.77 -28.55
CA GLU A 40 15.79 20.81 -27.14
C GLU A 40 16.84 21.90 -26.84
N ALA A 41 16.54 22.75 -25.87
CA ALA A 41 17.40 23.87 -25.50
C ALA A 41 18.77 23.42 -24.98
N ASP A 42 18.81 22.46 -24.07
CA ASP A 42 20.06 22.04 -23.41
C ASP A 42 20.76 20.97 -24.27
N GLU A 43 21.89 20.46 -23.76
CA GLU A 43 22.78 19.49 -24.44
C GLU A 43 22.48 18.00 -24.19
N TYR A 44 21.25 17.65 -23.79
CA TYR A 44 20.85 16.23 -23.63
C TYR A 44 19.34 16.10 -23.65
N LEU A 45 18.86 14.88 -23.73
CA LEU A 45 17.43 14.64 -23.77
C LEU A 45 16.96 14.15 -22.40
N GLY A 46 15.87 14.72 -21.87
CA GLY A 46 15.33 14.29 -20.54
C GLY A 46 14.85 15.33 -19.54
N GLY A 47 15.45 16.52 -19.61
CA GLY A 47 15.02 17.67 -18.85
C GLY A 47 15.27 17.43 -17.39
N HIS A 48 14.19 17.35 -16.61
CA HIS A 48 14.29 16.97 -15.19
C HIS A 48 14.83 15.56 -14.98
N ALA A 49 14.60 14.69 -15.96
CA ALA A 49 15.23 13.38 -16.01
C ALA A 49 16.69 13.48 -16.44
N TYR A 50 17.60 13.49 -15.47
CA TYR A 50 19.03 13.67 -15.72
C TYR A 50 19.81 12.71 -14.86
N SER A 51 20.80 12.07 -15.46
CA SER A 51 21.60 11.08 -14.77
C SER A 51 23.04 11.46 -14.94
N HIS A 52 23.73 11.77 -13.85
CA HIS A 52 25.09 12.25 -13.90
C HIS A 52 26.09 11.14 -13.56
N PRO A 53 27.10 10.92 -14.43
CA PRO A 53 28.11 9.90 -14.17
C PRO A 53 28.99 10.26 -12.98
N VAL A 54 29.20 9.30 -12.10
CA VAL A 54 30.14 9.45 -11.01
C VAL A 54 31.06 8.27 -11.06
N GLU A 55 32.35 8.53 -11.06
CA GLU A 55 33.34 7.46 -11.14
C GLU A 55 33.80 7.21 -9.73
N THR A 56 33.67 5.96 -9.32
CA THR A 56 34.00 5.55 -7.97
C THR A 56 34.90 4.34 -8.06
N ASP A 57 35.55 4.01 -6.94
CA ASP A 57 36.52 2.91 -6.94
C ASP A 57 35.91 1.55 -7.31
N GLN A 58 34.59 1.42 -7.27
CA GLN A 58 33.91 0.19 -7.75
C GLN A 58 33.23 0.36 -9.12
N GLY A 59 33.53 1.41 -9.89
CA GLY A 59 32.96 1.56 -11.24
C GLY A 59 32.41 2.94 -11.54
N THR A 60 31.76 3.08 -12.69
CA THR A 60 31.12 4.34 -13.09
C THR A 60 29.62 4.18 -12.92
N LEU A 61 28.99 5.06 -12.14
CA LEU A 61 27.57 4.97 -11.83
C LEU A 61 26.85 6.20 -12.34
N HIS A 62 25.68 6.01 -12.93
CA HIS A 62 24.86 7.14 -13.37
C HIS A 62 23.82 7.44 -12.29
N VAL A 63 23.93 8.61 -11.67
CA VAL A 63 23.13 9.00 -10.50
C VAL A 63 22.00 9.97 -10.89
N ASP A 64 20.75 9.54 -10.66
CA ASP A 64 19.58 10.37 -10.96
C ASP A 64 19.57 11.61 -10.01
N MET A 65 19.49 12.80 -10.57
CA MET A 65 19.56 14.06 -9.81
C MET A 65 18.25 14.81 -9.78
N GLY A 66 17.33 14.50 -10.70
CA GLY A 66 16.01 15.06 -10.66
C GLY A 66 15.05 13.90 -10.54
N VAL A 67 14.54 13.47 -11.69
CA VAL A 67 13.64 12.32 -11.74
C VAL A 67 14.44 11.10 -11.34
N GLN A 68 13.92 10.40 -10.33
CA GLN A 68 14.53 9.20 -9.75
C GLN A 68 13.56 8.03 -9.58
N HIS A 69 12.35 8.29 -9.10
CA HIS A 69 11.44 7.28 -8.59
C HIS A 69 10.12 7.15 -9.31
N PHE A 70 9.65 5.91 -9.43
CA PHE A 70 8.33 5.60 -9.99
C PHE A 70 7.98 4.17 -9.51
N ASN A 71 6.79 3.66 -9.81
CA ASN A 71 6.51 2.23 -9.62
C ASN A 71 5.51 1.69 -10.62
N GLU A 72 5.48 0.37 -10.75
CA GLU A 72 4.63 -0.31 -11.73
C GLU A 72 3.11 0.02 -11.65
N LYS A 73 2.63 0.33 -10.46
CA LYS A 73 1.21 0.61 -10.26
C LYS A 73 0.88 2.05 -10.63
N LEU A 74 1.73 2.96 -10.19
CA LEU A 74 1.57 4.42 -10.45
C LEU A 74 1.98 4.88 -11.86
N SER A 75 2.93 4.16 -12.44
CA SER A 75 3.62 4.57 -13.63
C SER A 75 3.66 3.41 -14.65
N PRO A 76 2.50 2.80 -14.97
CA PRO A 76 2.48 1.63 -15.85
C PRO A 76 3.09 1.84 -17.24
N ASN A 77 2.78 2.96 -17.89
CA ASN A 77 3.33 3.26 -19.23
C ASN A 77 4.84 3.44 -19.24
N LEU A 78 5.35 4.17 -18.28
CA LEU A 78 6.78 4.33 -18.18
C LEU A 78 7.36 2.98 -17.86
N PHE A 79 6.71 2.26 -16.99
CA PHE A 79 7.21 0.97 -16.60
C PHE A 79 7.25 0.04 -17.75
N ARG A 80 6.19 0.03 -18.54
CA ARG A 80 6.16 -0.84 -19.70
C ARG A 80 7.22 -0.43 -20.69
N LEU A 81 7.42 0.86 -20.87
CA LEU A 81 8.42 1.34 -21.77
C LEU A 81 9.79 0.88 -21.33
N LEU A 82 10.08 0.95 -20.04
CA LEU A 82 11.38 0.53 -19.58
C LEU A 82 11.62 -0.93 -19.86
N THR A 83 10.59 -1.71 -19.67
CA THR A 83 10.58 -3.16 -19.92
C THR A 83 10.88 -3.45 -21.40
N ASP A 84 10.08 -2.90 -22.32
CA ASP A 84 10.31 -3.08 -23.77
C ASP A 84 11.72 -2.72 -24.24
N PHE A 85 12.33 -1.71 -23.65
CA PHE A 85 13.70 -1.32 -23.98
C PHE A 85 14.74 -2.19 -23.25
N GLY A 86 14.29 -3.19 -22.50
CA GLY A 86 15.16 -4.04 -21.70
C GLY A 86 15.89 -3.34 -20.57
N ILE A 87 15.24 -2.36 -19.94
CA ILE A 87 15.83 -1.65 -18.80
C ILE A 87 15.20 -2.23 -17.54
N GLY A 88 16.03 -2.76 -16.66
CA GLY A 88 15.53 -3.27 -15.40
C GLY A 88 15.13 -2.16 -14.43
N THR A 89 14.48 -2.56 -13.35
CA THR A 89 14.25 -1.66 -12.24
C THR A 89 14.64 -2.35 -10.94
N TYR A 90 14.68 -1.57 -9.87
CA TYR A 90 14.86 -2.12 -8.53
C TYR A 90 14.12 -1.31 -7.47
N VAL A 91 13.74 -1.96 -6.37
CA VAL A 91 13.01 -1.30 -5.31
C VAL A 91 13.94 -0.37 -4.52
N ALA A 92 13.43 0.79 -4.15
CA ALA A 92 14.23 1.82 -3.46
C ALA A 92 13.32 2.44 -2.40
N PRO A 93 13.13 1.72 -1.29
CA PRO A 93 12.08 2.08 -0.35
C PRO A 93 12.24 3.51 0.21
N SER A 94 11.14 4.24 0.38
CA SER A 94 11.24 5.62 0.86
C SER A 94 11.25 5.66 2.39
N SER A 95 12.41 5.34 2.93
CA SER A 95 12.70 5.52 4.34
C SER A 95 13.05 6.99 4.57
N VAL A 96 12.52 7.54 5.65
CA VAL A 96 12.52 8.99 5.87
C VAL A 96 12.88 9.27 7.29
N HIS A 97 13.84 10.17 7.46
CA HIS A 97 14.21 10.68 8.75
C HIS A 97 14.14 12.20 8.78
N VAL A 98 13.48 12.74 9.82
CA VAL A 98 13.34 14.19 10.04
C VAL A 98 14.07 14.58 11.32
N ASP A 99 14.96 15.58 11.23
CA ASP A 99 15.68 16.13 12.36
C ASP A 99 15.33 17.59 12.50
N PHE A 100 15.01 17.98 13.74
CA PHE A 100 14.87 19.37 14.10
C PHE A 100 15.88 19.76 15.20
N PRO A 101 16.08 21.07 15.40
CA PRO A 101 17.08 21.63 16.27
C PRO A 101 17.32 21.02 17.64
N GLY A 102 16.27 20.71 18.38
CA GLY A 102 16.51 20.27 19.79
C GLY A 102 17.33 18.99 20.02
N GLU A 103 17.47 18.57 21.27
CA GLU A 103 18.03 17.23 21.52
C GLU A 103 16.99 16.13 21.18
N GLN A 104 17.41 15.20 20.32
CA GLN A 104 16.57 14.08 19.85
C GLN A 104 15.21 14.49 19.29
N GLN A 105 15.19 15.61 18.57
CA GLN A 105 13.97 16.12 17.99
C GLN A 105 13.81 15.52 16.58
N SER A 106 13.51 14.22 16.53
CA SER A 106 13.36 13.51 15.26
C SER A 106 12.20 12.54 15.24
N TRP A 107 11.79 12.20 14.03
CA TRP A 107 11.02 11.00 13.77
C TRP A 107 11.55 10.35 12.51
N ASN A 108 11.17 9.10 12.31
CA ASN A 108 11.46 8.41 11.11
C ASN A 108 10.38 7.39 10.97
N ASN A 109 10.34 6.74 9.81
CA ASN A 109 9.29 5.77 9.48
C ASN A 109 9.78 4.30 9.43
N LEU A 110 10.89 4.02 10.11
CA LEU A 110 11.39 2.65 10.28
C LEU A 110 11.24 2.14 11.71
N ASP A 111 11.45 3.02 12.67
CA ASP A 111 11.25 2.69 14.06
C ASP A 111 10.46 3.81 14.72
N PHE A 112 10.12 3.59 16.00
CA PHE A 112 9.35 4.56 16.77
C PHE A 112 10.23 5.43 17.65
N LEU A 113 11.51 5.56 17.33
CA LEU A 113 12.35 6.42 18.15
C LEU A 113 12.20 7.90 17.79
N GLY A 114 12.56 8.74 18.74
CA GLY A 114 12.55 10.18 18.62
C GLY A 114 11.51 10.92 19.42
N GLU A 115 11.85 12.12 19.83
CA GLU A 115 10.95 12.99 20.59
C GLU A 115 9.79 13.53 19.79
N LEU A 116 10.01 13.86 18.53
CA LEU A 116 8.94 14.33 17.69
C LEU A 116 7.96 13.24 17.42
N ARG A 117 8.45 12.03 17.25
CA ARG A 117 7.59 10.89 17.00
C ARG A 117 6.72 10.68 18.19
N GLU A 118 7.30 10.77 19.37
CA GLU A 118 6.58 10.65 20.58
C GLU A 118 5.56 11.74 20.73
N GLU A 119 5.93 12.94 20.36
CA GLU A 119 5.06 14.08 20.40
C GLU A 119 3.91 13.94 19.44
N LEU A 120 4.18 13.45 18.24
CA LEU A 120 3.17 13.35 17.20
C LEU A 120 2.60 12.01 16.82
N HIS A 121 2.90 10.93 17.52
CA HIS A 121 2.46 9.62 17.08
C HIS A 121 0.97 9.47 16.95
N GLU A 122 0.22 10.01 17.86
CA GLU A 122 -1.21 9.89 17.80
C GLU A 122 -1.75 10.53 16.55
N GLU A 123 -1.15 11.62 16.11
CA GLU A 123 -1.56 12.36 14.92
C GLU A 123 -1.18 11.66 13.61
N PHE A 124 0.02 11.08 13.56
CA PHE A 124 0.42 10.19 12.46
C PHE A 124 -0.59 9.05 12.28
N ASP A 125 -0.92 8.44 13.40
CA ASP A 125 -1.84 7.31 13.43
C ASP A 125 -3.20 7.68 12.88
N ARG A 126 -3.79 8.76 13.41
CA ARG A 126 -5.07 9.29 12.92
C ARG A 126 -4.97 9.67 11.46
N PHE A 127 -3.85 10.28 11.08
CA PHE A 127 -3.74 10.81 9.73
C PHE A 127 -3.85 9.72 8.67
N HIS A 128 -3.20 8.59 8.92
CA HIS A 128 -3.24 7.46 8.00
C HIS A 128 -4.66 6.95 7.75
N GLN A 129 -5.40 6.81 8.84
CA GLN A 129 -6.79 6.37 8.77
C GLN A 129 -7.58 7.31 7.89
N GLU A 130 -7.53 8.58 8.24
CA GLU A 130 -8.31 9.58 7.55
C GLU A 130 -7.91 9.67 6.08
N MET A 131 -6.65 9.52 5.73
CA MET A 131 -6.29 9.55 4.31
C MET A 131 -6.82 8.32 3.59
N ASN A 132 -6.82 7.17 4.27
CA ASN A 132 -7.34 5.94 3.67
C ASN A 132 -8.84 6.01 3.45
N GLN A 133 -9.56 6.75 4.31
CA GLN A 133 -11.02 6.85 4.21
C GLN A 133 -11.55 7.90 3.21
N LEU A 134 -10.71 8.89 2.87
CA LEU A 134 -11.08 9.99 1.95
C LEU A 134 -11.54 9.57 0.56
N PRO A 135 -10.69 8.85 -0.24
CA PRO A 135 -11.06 8.54 -1.63
C PRO A 135 -12.35 7.73 -1.84
N THR A 136 -13.06 7.40 -0.75
CA THR A 136 -14.28 6.59 -0.78
C THR A 136 -15.39 7.32 0.03
N SER A 137 -15.90 8.44 -0.53
CA SER A 137 -16.90 9.31 0.14
C SER A 137 -18.06 9.70 -0.77
N LYS A 143 -14.69 18.13 -0.76
CA LYS A 143 -13.23 17.92 -0.48
C LYS A 143 -12.28 18.41 -1.60
N GLN A 144 -12.50 19.66 -2.08
CA GLN A 144 -11.55 20.41 -3.01
C GLN A 144 -10.80 21.55 -2.36
N MET A 145 -10.11 21.12 -1.31
CA MET A 145 -9.31 21.91 -0.43
C MET A 145 -7.86 21.47 -0.54
N SER A 146 -6.99 22.20 0.14
CA SER A 146 -5.59 21.90 0.16
C SER A 146 -5.35 20.98 1.36
N ILE A 147 -4.19 20.34 1.38
CA ILE A 147 -3.81 19.57 2.54
C ILE A 147 -3.80 20.43 3.82
N GLY A 148 -3.25 21.63 3.71
CA GLY A 148 -3.18 22.60 4.81
C GLY A 148 -4.55 22.91 5.42
N GLU A 149 -5.51 23.28 4.57
CA GLU A 149 -6.91 23.53 4.98
C GLU A 149 -7.44 22.34 5.74
N TYR A 150 -7.30 21.14 5.14
CA TYR A 150 -7.77 19.89 5.74
C TYR A 150 -7.24 19.75 7.13
N LEU A 151 -5.94 19.97 7.28
CA LEU A 151 -5.30 19.78 8.56
C LEU A 151 -5.84 20.72 9.61
N ASP A 152 -5.99 22.01 9.24
CA ASP A 152 -6.60 23.04 10.10
C ASP A 152 -8.04 22.64 10.45
N LYS A 153 -8.83 22.37 9.43
CA LYS A 153 -10.20 21.96 9.61
C LYS A 153 -10.34 20.68 10.46
N HIS A 154 -9.41 19.74 10.45
CA HIS A 154 -9.58 18.49 11.23
C HIS A 154 -8.73 18.36 12.50
N GLY A 155 -8.39 19.48 13.13
CA GLY A 155 -7.86 19.47 14.49
C GLY A 155 -6.39 19.16 14.63
N TYR A 156 -5.65 19.16 13.54
CA TYR A 156 -4.23 18.79 13.60
C TYR A 156 -3.38 19.94 14.11
N SER A 157 -2.36 19.62 14.88
CA SER A 157 -1.48 20.61 15.46
C SER A 157 -0.59 21.28 14.39
N LYS A 158 -0.07 22.46 14.73
CA LYS A 158 0.83 23.19 13.88
C LYS A 158 2.16 22.47 13.86
N SER A 159 2.54 21.85 15.00
CA SER A 159 3.75 20.99 15.04
C SER A 159 3.66 19.86 13.97
N PHE A 160 2.51 19.21 13.88
CA PHE A 160 2.28 18.21 12.85
C PHE A 160 2.38 18.81 11.46
N LYS A 161 1.72 19.94 11.22
CA LYS A 161 1.78 20.60 9.88
C LYS A 161 3.20 20.89 9.43
N TYR A 162 4.02 21.45 10.31
CA TYR A 162 5.33 21.96 9.91
C TYR A 162 6.51 21.05 10.29
N LYS A 163 6.34 20.13 11.24
CA LYS A 163 7.42 19.19 11.59
C LYS A 163 7.26 17.78 11.01
N ALA A 164 6.10 17.47 10.44
CA ALA A 164 5.89 16.20 9.81
C ALA A 164 5.39 16.34 8.40
N MET A 165 4.20 16.91 8.22
CA MET A 165 3.56 16.93 6.89
C MET A 165 4.40 17.67 5.84
N ASN A 166 4.86 18.87 6.17
CA ASN A 166 5.58 19.69 5.22
C ASN A 166 6.96 19.08 4.88
N PRO A 167 7.71 18.59 5.88
CA PRO A 167 8.96 17.89 5.52
C PRO A 167 8.76 16.60 4.72
N ILE A 168 7.79 15.76 5.05
CA ILE A 168 7.63 14.55 4.26
C ILE A 168 7.16 14.90 2.85
N LEU A 169 6.33 15.95 2.71
CA LEU A 169 5.93 16.40 1.38
C LEU A 169 7.05 17.02 0.55
N SER A 170 8.17 17.39 1.19
CA SER A 170 9.35 17.87 0.49
C SER A 170 10.04 16.77 -0.35
N ILE A 171 9.80 15.51 -0.04
CA ILE A 171 10.27 14.39 -0.89
C ILE A 171 9.78 14.58 -2.34
N TYR A 172 8.57 15.12 -2.51
CA TYR A 172 8.02 15.47 -3.82
C TYR A 172 8.34 16.91 -4.32
N SER A 173 8.09 17.90 -3.47
CA SER A 173 7.89 19.30 -3.89
C SER A 173 9.12 20.20 -3.83
N GLY A 174 10.20 19.71 -3.22
CA GLY A 174 11.36 20.54 -2.88
C GLY A 174 11.13 21.30 -1.59
N CYS A 175 12.19 21.52 -0.82
CA CYS A 175 12.08 22.23 0.47
C CYS A 175 11.67 23.72 0.37
N HIS A 176 11.68 24.30 -0.84
CA HIS A 176 11.15 25.66 -1.04
C HIS A 176 9.65 25.72 -1.20
N ALA A 177 9.00 24.59 -1.47
CA ALA A 177 7.58 24.61 -1.85
C ALA A 177 6.61 24.95 -0.70
N PRO A 178 5.52 25.66 -1.02
CA PRO A 178 4.36 25.77 -0.13
C PRO A 178 3.47 24.50 -0.22
N SER A 179 4.07 23.36 0.10
CA SER A 179 3.44 22.06 -0.08
C SER A 179 2.09 22.02 0.65
N LEU A 180 1.99 22.67 1.80
CA LEU A 180 0.70 22.69 2.54
C LEU A 180 -0.43 23.35 1.78
N ASP A 181 -0.14 24.16 0.77
CA ASP A 181 -1.18 24.72 -0.12
C ASP A 181 -1.58 23.76 -1.23
N TYR A 182 -0.90 22.62 -1.38
CA TYR A 182 -1.16 21.66 -2.50
C TYR A 182 -2.39 20.82 -2.27
N ASN A 183 -2.94 20.34 -3.38
CA ASN A 183 -4.26 19.71 -3.40
C ASN A 183 -4.31 18.48 -2.47
N LEU A 184 -5.43 18.31 -1.78
CA LEU A 184 -5.54 17.28 -0.75
C LEU A 184 -5.52 15.86 -1.30
N MET A 185 -6.20 15.61 -2.41
CA MET A 185 -6.26 14.25 -2.98
C MET A 185 -4.89 13.72 -3.41
N TYR A 186 -4.05 14.62 -3.87
CA TYR A 186 -2.65 14.32 -4.18
C TYR A 186 -1.96 13.70 -2.96
N VAL A 187 -2.18 14.31 -1.80
CA VAL A 187 -1.58 13.83 -0.57
C VAL A 187 -2.30 12.57 -0.08
N ALA A 188 -3.63 12.59 -0.08
CA ALA A 188 -4.39 11.45 0.41
C ALA A 188 -4.03 10.20 -0.36
N LEU A 189 -4.06 10.29 -1.69
CA LEU A 189 -3.64 9.16 -2.50
C LEU A 189 -2.22 8.70 -2.20
N SER A 190 -1.27 9.63 -2.12
CA SER A 190 0.10 9.24 -1.78
C SER A 190 0.18 8.40 -0.51
N PHE A 191 -0.68 8.68 0.47
CA PHE A 191 -0.67 7.92 1.71
C PHE A 191 -1.39 6.59 1.58
N SER A 192 -2.54 6.57 0.89
CA SER A 192 -3.27 5.31 0.67
C SER A 192 -2.59 4.37 -0.34
N MET A 193 -1.69 4.85 -1.16
CA MET A 193 -0.93 3.99 -2.07
C MET A 193 0.45 3.60 -1.52
N ASN A 194 0.70 3.81 -0.23
CA ASN A 194 2.01 3.53 0.34
C ASN A 194 3.19 4.17 -0.42
N LEU A 195 3.02 5.43 -0.86
CA LEU A 195 4.13 6.19 -1.46
C LEU A 195 4.81 7.07 -0.42
N LEU A 196 3.98 7.77 0.38
CA LEU A 196 4.42 8.45 1.59
C LEU A 196 3.80 7.78 2.78
N SER A 197 4.53 7.71 3.88
CA SER A 197 4.06 7.03 5.07
C SER A 197 4.86 7.41 6.29
N PHE A 198 4.17 7.48 7.42
CA PHE A 198 4.78 7.69 8.71
C PHE A 198 5.08 6.35 9.42
N PHE A 199 4.63 5.21 8.89
CA PHE A 199 4.84 3.91 9.55
C PHE A 199 5.67 2.84 8.80
N SER A 200 5.95 3.09 7.52
CA SER A 200 6.71 2.18 6.70
C SER A 200 7.42 2.98 5.61
N ALA A 201 8.40 2.34 4.97
CA ALA A 201 9.06 2.92 3.82
C ALA A 201 8.18 2.71 2.59
N GLY A 202 8.00 3.76 1.81
CA GLY A 202 7.08 3.69 0.69
C GLY A 202 7.66 2.86 -0.43
N TYR A 203 6.80 2.27 -1.24
CA TYR A 203 7.17 1.37 -2.34
C TYR A 203 7.46 2.16 -3.61
N TRP A 204 8.74 2.31 -3.92
CA TRP A 204 9.19 3.05 -5.07
C TRP A 204 10.27 2.26 -5.77
N ARG A 205 10.41 2.47 -7.07
CA ARG A 205 11.48 1.87 -7.86
C ARG A 205 12.38 2.91 -8.49
N LYS A 206 13.60 2.48 -8.82
CA LYS A 206 14.53 3.22 -9.65
C LYS A 206 14.85 2.40 -10.90
N ALA A 207 15.33 3.06 -11.95
CA ALA A 207 15.72 2.39 -13.19
C ALA A 207 17.21 2.02 -13.17
N GLN A 208 17.55 0.85 -13.73
CA GLN A 208 18.94 0.35 -13.77
C GLN A 208 19.83 1.27 -14.61
N GLY A 209 20.97 1.65 -14.03
CA GLY A 209 21.90 2.58 -14.69
C GLY A 209 21.34 3.96 -15.01
N GLY A 210 20.39 4.41 -14.19
CA GLY A 210 19.84 5.76 -14.25
C GLY A 210 18.60 5.81 -15.09
N ILE A 211 17.84 6.88 -14.92
CA ILE A 211 16.64 7.11 -15.68
C ILE A 211 16.97 7.44 -17.16
N HIS A 212 18.15 7.99 -17.41
CA HIS A 212 18.51 8.47 -18.75
C HIS A 212 18.55 7.36 -19.80
N SER A 213 18.81 6.12 -19.36
CA SER A 213 18.83 4.96 -20.24
C SER A 213 17.67 4.93 -21.26
N TYR A 214 16.43 5.16 -20.83
CA TYR A 214 15.34 5.11 -21.79
C TYR A 214 15.42 6.28 -22.78
N LEU A 215 15.88 7.41 -22.28
CA LEU A 215 15.98 8.60 -23.09
C LEU A 215 17.11 8.47 -24.09
N ALA A 216 18.24 7.89 -23.67
CA ALA A 216 19.33 7.56 -24.58
C ALA A 216 18.84 6.66 -25.72
N ARG A 217 18.00 5.69 -25.38
CA ARG A 217 17.47 4.81 -26.39
C ARG A 217 16.57 5.61 -27.34
N ILE A 218 15.72 6.48 -26.80
CA ILE A 218 14.88 7.31 -27.66
C ILE A 218 15.74 8.21 -28.57
N GLU A 219 16.82 8.78 -28.02
CA GLU A 219 17.71 9.68 -28.77
C GLU A 219 18.32 8.98 -29.97
N SER A 220 18.84 7.79 -29.74
CA SER A 220 19.34 6.92 -30.81
C SER A 220 18.26 6.68 -31.89
N ASP A 221 17.10 6.18 -31.52
CA ASP A 221 16.03 5.92 -32.50
C ASP A 221 15.59 7.16 -33.29
N LEU A 222 15.73 8.35 -32.72
CA LEU A 222 15.30 9.56 -33.42
C LEU A 222 16.40 10.09 -34.35
N GLY A 223 17.66 9.81 -34.01
CA GLY A 223 18.79 10.15 -34.85
C GLY A 223 18.89 11.63 -35.10
N GLU A 224 19.07 11.97 -36.37
CA GLU A 224 19.27 13.34 -36.83
C GLU A 224 18.06 14.28 -36.67
N ARG A 225 16.86 13.71 -36.43
CA ARG A 225 15.66 14.49 -36.11
C ARG A 225 15.73 15.32 -34.79
N VAL A 226 16.72 15.00 -33.94
CA VAL A 226 16.88 15.66 -32.65
C VAL A 226 17.89 16.80 -32.80
N ARG A 227 17.44 18.02 -32.53
CA ARG A 227 18.32 19.18 -32.55
C ARG A 227 18.60 19.59 -31.12
N LEU A 228 19.73 19.13 -30.58
CA LEU A 228 20.19 19.56 -29.27
C LEU A 228 20.77 20.95 -29.31
N ASN A 229 20.88 21.58 -28.15
CA ASN A 229 21.43 22.93 -28.04
C ASN A 229 20.74 23.94 -28.95
N THR A 230 19.45 23.76 -29.20
CA THR A 230 18.71 24.56 -30.16
C THR A 230 17.46 25.16 -29.50
N PRO A 231 17.64 26.19 -28.66
CA PRO A 231 16.47 26.76 -27.97
C PRO A 231 15.58 27.50 -28.93
N VAL A 232 14.34 27.05 -29.08
CA VAL A 232 13.35 27.77 -29.87
C VAL A 232 13.15 29.17 -29.30
N GLU A 233 13.30 30.19 -30.15
CA GLU A 233 13.12 31.59 -29.75
C GLU A 233 11.65 32.02 -29.89
N ALA A 234 10.93 31.56 -30.92
CA ALA A 234 9.49 31.84 -31.01
C ALA A 234 8.72 30.90 -31.96
N VAL A 235 7.40 30.96 -31.85
CA VAL A 235 6.51 30.04 -32.58
C VAL A 235 5.29 30.80 -33.08
N VAL A 236 5.15 30.92 -34.40
CA VAL A 236 4.17 31.83 -35.00
C VAL A 236 3.26 31.14 -35.99
N PRO A 237 1.98 30.96 -35.61
CA PRO A 237 1.03 30.50 -36.62
C PRO A 237 0.88 31.51 -37.77
N THR A 238 0.68 30.99 -38.99
CA THR A 238 0.38 31.79 -40.20
C THR A 238 -0.80 31.11 -40.92
N GLN A 239 -1.18 31.64 -42.06
CA GLN A 239 -2.23 31.02 -42.89
C GLN A 239 -1.81 29.66 -43.46
N SER A 240 -0.55 29.50 -43.84
CA SER A 240 -0.07 28.26 -44.47
C SER A 240 0.19 27.16 -43.46
N GLY A 241 0.98 27.49 -42.43
CA GLY A 241 1.27 26.56 -41.34
C GLY A 241 1.78 27.31 -40.13
N VAL A 242 2.80 26.76 -39.47
CA VAL A 242 3.39 27.41 -38.30
C VAL A 242 4.89 27.51 -38.50
N THR A 243 5.41 28.68 -38.14
CA THR A 243 6.81 28.98 -38.30
C THR A 243 7.46 28.95 -36.92
N VAL A 244 8.62 28.29 -36.84
CA VAL A 244 9.40 28.18 -35.63
C VAL A 244 10.72 28.88 -35.90
N LEU A 245 11.10 29.77 -34.99
CA LEU A 245 12.35 30.52 -35.12
C LEU A 245 13.32 29.97 -34.10
N ALA A 246 14.36 29.30 -34.58
CA ALA A 246 15.32 28.65 -33.69
C ALA A 246 16.70 28.53 -34.32
N GLY A 247 17.71 28.94 -33.55
CA GLY A 247 19.12 28.81 -33.92
C GLY A 247 19.48 29.63 -35.14
N GLY A 248 19.03 30.89 -35.15
CA GLY A 248 19.20 31.79 -36.30
C GLY A 248 18.69 31.29 -37.65
N GLN A 249 17.59 30.54 -37.65
CA GLN A 249 16.95 30.04 -38.89
C GLN A 249 15.43 30.03 -38.69
N GLU A 250 14.68 29.91 -39.77
CA GLU A 250 13.21 29.78 -39.71
C GLU A 250 12.87 28.48 -40.40
N HIS A 251 12.06 27.66 -39.73
CA HIS A 251 11.63 26.35 -40.22
C HIS A 251 10.12 26.40 -40.34
N HIS A 252 9.57 25.60 -41.24
CA HIS A 252 8.13 25.66 -41.56
C HIS A 252 7.47 24.33 -41.29
N PHE A 253 6.39 24.34 -40.49
CA PHE A 253 5.75 23.11 -40.09
C PHE A 253 4.24 23.21 -40.27
N ASP A 254 3.60 22.05 -40.41
CA ASP A 254 2.15 21.96 -40.47
C ASP A 254 1.56 22.07 -39.05
N GLN A 255 2.17 21.37 -38.08
CA GLN A 255 1.73 21.39 -36.67
C GLN A 255 2.90 21.68 -35.75
N VAL A 256 2.60 22.16 -34.53
CA VAL A 256 3.64 22.27 -33.49
C VAL A 256 3.15 21.80 -32.14
N VAL A 257 3.91 20.87 -31.55
CA VAL A 257 3.62 20.32 -30.24
C VAL A 257 4.58 20.97 -29.26
N PHE A 258 4.00 21.62 -28.25
CA PHE A 258 4.75 22.18 -27.14
C PHE A 258 4.95 21.10 -26.06
N ALA A 259 6.19 20.94 -25.61
CA ALA A 259 6.49 20.11 -24.44
C ALA A 259 7.32 20.90 -23.42
N THR A 260 7.04 22.20 -23.36
CA THR A 260 7.75 23.12 -22.47
C THR A 260 6.79 23.57 -21.40
N HIS A 261 7.38 24.12 -20.35
CA HIS A 261 6.59 24.64 -19.25
C HIS A 261 5.73 25.79 -19.78
N ALA A 262 4.54 25.96 -19.21
CA ALA A 262 3.64 27.05 -19.58
C ALA A 262 4.28 28.44 -19.66
N ASP A 263 5.12 28.83 -18.70
CA ASP A 263 5.71 30.17 -18.75
C ASP A 263 6.68 30.32 -19.94
N VAL A 264 7.34 29.23 -20.32
CA VAL A 264 8.13 29.17 -21.55
C VAL A 264 7.20 29.15 -22.77
N THR A 265 6.28 28.19 -22.79
CA THR A 265 5.27 28.09 -23.85
C THR A 265 4.66 29.47 -24.17
N LEU A 266 4.34 30.26 -23.15
CA LEU A 266 3.72 31.59 -23.32
C LEU A 266 4.69 32.62 -23.92
N ARG A 267 5.91 32.68 -23.40
CA ARG A 267 6.90 33.62 -23.93
C ARG A 267 7.16 33.37 -25.41
N LEU A 268 7.33 32.09 -25.77
CA LEU A 268 7.69 31.69 -27.14
C LEU A 268 6.57 31.94 -28.11
N LEU A 269 5.38 31.59 -27.69
CA LEU A 269 4.22 31.69 -28.52
C LEU A 269 3.93 33.16 -28.69
N ARG A 270 3.63 33.55 -29.91
CA ARG A 270 3.39 34.95 -30.22
C ARG A 270 2.22 35.02 -31.24
N THR A 271 1.05 35.37 -30.70
CA THR A 271 -0.27 35.28 -31.37
C THR A 271 -1.04 36.58 -31.08
N SER A 272 -1.95 36.95 -31.97
CA SER A 272 -2.90 38.06 -31.73
C SER A 272 -3.87 37.80 -30.55
N ASP A 273 -4.11 36.51 -30.26
CA ASP A 273 -5.10 36.09 -29.25
C ASP A 273 -4.64 36.32 -27.78
N GLN A 274 -5.59 36.68 -26.91
CA GLN A 274 -5.32 36.93 -25.48
C GLN A 274 -6.07 35.98 -24.52
N GLN A 275 -6.73 34.96 -25.08
CA GLN A 275 -7.09 33.76 -24.29
C GLN A 275 -5.79 32.98 -23.97
N TYR A 276 -4.84 33.00 -24.91
CA TYR A 276 -3.54 32.39 -24.68
C TYR A 276 -2.91 32.96 -23.41
N ARG A 277 -2.91 34.28 -23.28
CA ARG A 277 -2.52 34.97 -22.02
C ARG A 277 -3.39 34.51 -20.83
N ASP A 278 -4.71 34.50 -21.00
CA ASP A 278 -5.65 34.03 -19.95
C ASP A 278 -5.31 32.64 -19.38
N LEU A 279 -4.82 31.73 -20.21
CA LEU A 279 -4.65 30.30 -19.83
C LEU A 279 -3.26 29.96 -19.34
N LEU A 280 -2.25 30.46 -20.05
CA LEU A 280 -0.85 30.19 -19.72
C LEU A 280 -0.21 31.16 -18.75
N GLY A 281 -0.90 32.25 -18.40
CA GLY A 281 -0.28 33.35 -17.66
C GLY A 281 -0.01 33.09 -16.18
N ASP A 282 -0.96 32.43 -15.54
CA ASP A 282 -1.00 32.36 -14.09
C ASP A 282 -0.45 31.05 -13.52
N PHE A 283 0.40 30.34 -14.26
CA PHE A 283 1.02 29.11 -13.76
C PHE A 283 2.13 29.51 -12.79
N ALA A 284 2.18 28.86 -11.64
CA ALA A 284 3.17 29.17 -10.59
C ALA A 284 4.17 28.03 -10.44
N TYR A 285 5.39 28.37 -10.04
CA TYR A 285 6.47 27.40 -9.96
C TYR A 285 7.24 27.57 -8.66
N VAL A 286 8.19 26.66 -8.44
CA VAL A 286 9.01 26.63 -7.27
C VAL A 286 10.42 26.29 -7.72
N PRO A 287 11.42 27.06 -7.27
CA PRO A 287 12.79 26.67 -7.58
C PRO A 287 13.29 25.48 -6.74
N VAL A 288 14.15 24.67 -7.36
CA VAL A 288 14.85 23.57 -6.70
C VAL A 288 16.29 23.53 -7.15
N GLU A 289 17.17 23.35 -6.19
CA GLU A 289 18.60 23.16 -6.44
C GLU A 289 18.89 21.73 -6.04
N SER A 290 19.48 20.97 -6.94
CA SER A 290 19.93 19.60 -6.68
C SER A 290 21.45 19.62 -6.70
N VAL A 291 22.07 19.35 -5.57
CA VAL A 291 23.52 19.37 -5.43
C VAL A 291 24.05 17.95 -5.19
N LEU A 292 24.75 17.41 -6.18
CA LEU A 292 25.35 16.09 -6.07
C LEU A 292 26.69 16.27 -5.39
N HIS A 293 26.91 15.58 -4.27
CA HIS A 293 28.15 15.80 -3.49
C HIS A 293 28.58 14.60 -2.66
N GLN A 294 29.76 14.69 -2.05
CA GLN A 294 30.33 13.62 -1.24
C GLN A 294 30.67 14.07 0.20
N ASP A 295 30.12 15.22 0.63
CA ASP A 295 30.32 15.72 1.99
C ASP A 295 29.41 14.96 2.94
N GLU A 296 29.97 13.93 3.57
CA GLU A 296 29.29 13.09 4.59
C GLU A 296 28.75 13.85 5.82
N SER A 297 29.14 15.12 6.01
CA SER A 297 28.62 15.92 7.13
C SER A 297 27.10 16.17 7.04
N TRP A 298 26.53 16.09 5.84
CA TRP A 298 25.08 16.30 5.66
C TRP A 298 24.21 15.09 6.08
N LEU A 299 24.82 13.93 6.35
CA LEU A 299 24.09 12.77 6.88
C LEU A 299 23.77 13.00 8.34
N SER A 300 22.62 12.50 8.77
CA SER A 300 22.18 12.68 10.14
C SER A 300 22.85 11.64 11.03
N PRO A 301 23.37 12.07 12.19
CA PRO A 301 23.97 11.09 13.12
C PRO A 301 22.97 10.07 13.63
N ALA A 302 21.75 10.54 13.93
CA ALA A 302 20.62 9.67 14.24
C ALA A 302 20.14 8.90 13.00
N GLY A 303 19.71 9.63 11.97
CA GLY A 303 19.16 9.07 10.73
C GLY A 303 20.11 8.15 10.04
N GLY A 304 20.02 6.87 10.42
CA GLY A 304 21.01 5.86 10.03
C GLY A 304 20.87 5.45 8.58
N GLY A 305 20.14 4.38 8.36
CA GLY A 305 19.93 3.85 7.04
C GLY A 305 18.78 4.48 6.29
N ALA A 306 18.49 5.75 6.55
CA ALA A 306 17.33 6.39 5.95
C ALA A 306 17.75 6.97 4.64
N TYR A 307 16.96 6.72 3.60
CA TYR A 307 17.30 7.17 2.24
C TYR A 307 17.13 8.66 2.16
N CYS A 308 15.94 9.14 2.53
CA CYS A 308 15.61 10.56 2.60
C CYS A 308 15.84 11.11 4.01
N GLN A 309 16.60 12.19 4.12
CA GLN A 309 16.91 12.79 5.41
C GLN A 309 16.70 14.31 5.36
N PHE A 310 15.68 14.77 6.09
CA PHE A 310 15.38 16.18 6.21
C PHE A 310 16.05 16.75 7.48
N ARG A 311 16.72 17.89 7.34
CA ARG A 311 17.20 18.66 8.48
C ARG A 311 16.64 20.07 8.42
N MET A 312 16.04 20.53 9.52
CA MET A 312 15.70 21.95 9.72
C MET A 312 16.84 22.58 10.55
N PRO A 313 17.31 23.78 10.14
CA PRO A 313 18.43 24.38 10.86
C PRO A 313 18.06 25.05 12.18
N GLU A 314 19.08 25.30 13.00
CA GLU A 314 18.94 26.05 14.26
C GLU A 314 18.24 27.37 13.92
N GLY A 315 17.32 27.80 14.78
CA GLY A 315 16.56 29.03 14.53
C GLY A 315 15.15 28.80 14.08
N PHE A 316 14.68 27.55 14.11
CA PHE A 316 13.32 27.28 13.66
C PHE A 316 12.34 27.85 14.67
N GLU A 317 11.36 28.63 14.20
CA GLU A 317 10.34 29.21 15.05
C GLU A 317 8.99 28.85 14.48
N LEU A 318 8.19 28.12 15.24
CA LEU A 318 6.89 27.68 14.71
C LEU A 318 6.05 28.86 14.25
N ALA A 319 6.17 30.00 14.92
CA ALA A 319 5.43 31.19 14.52
C ALA A 319 5.81 31.68 13.13
N ARG A 320 7.09 31.55 12.77
CA ARG A 320 7.59 31.93 11.45
C ARG A 320 7.70 30.70 10.50
N ALA A 321 6.85 29.70 10.66
CA ALA A 321 7.08 28.41 10.00
C ALA A 321 7.04 28.48 8.49
N GLU A 322 6.22 29.38 7.93
CA GLU A 322 5.99 29.49 6.48
C GLU A 322 7.17 30.06 5.72
N GLU A 323 7.97 30.88 6.39
CA GLU A 323 9.13 31.51 5.77
C GLU A 323 10.34 30.61 5.86
N GLN A 324 10.45 29.83 6.92
CA GLN A 324 11.64 29.00 7.14
C GLN A 324 11.57 27.69 6.39
N MET A 325 12.73 27.10 6.19
CA MET A 325 12.81 25.93 5.37
C MET A 325 14.10 25.19 5.57
N GLY A 326 14.00 23.88 5.35
CA GLY A 326 15.10 22.96 5.59
C GLY A 326 15.75 22.50 4.31
N SER A 327 16.53 21.44 4.43
CA SER A 327 17.14 20.80 3.30
C SER A 327 16.93 19.29 3.39
N LEU A 328 16.70 18.69 2.24
CA LEU A 328 16.55 17.24 2.13
C LEU A 328 17.80 16.65 1.54
N THR A 329 18.31 15.60 2.13
CA THR A 329 19.50 14.93 1.62
C THR A 329 19.16 13.48 1.37
N ARG A 330 19.60 12.96 0.24
CA ARG A 330 19.41 11.55 -0.09
C ARG A 330 20.71 10.77 0.02
N ASN A 331 20.72 9.71 0.82
CA ASN A 331 21.89 8.85 0.95
C ASN A 331 21.81 7.72 -0.07
N CYS A 332 22.43 7.93 -1.23
CA CYS A 332 22.43 6.93 -2.31
C CYS A 332 23.14 5.65 -1.96
N ASN A 333 24.04 5.70 -0.98
CA ASN A 333 24.76 4.50 -0.52
C ASN A 333 23.86 3.42 0.08
N VAL A 334 22.62 3.78 0.39
CA VAL A 334 21.61 2.84 0.90
C VAL A 334 20.86 2.11 -0.23
N LEU A 335 21.12 2.48 -1.47
CA LEU A 335 20.49 1.78 -2.57
C LEU A 335 21.23 0.47 -2.80
N HIS A 336 20.53 -0.54 -3.27
CA HIS A 336 21.11 -1.88 -3.36
C HIS A 336 22.27 -1.96 -4.33
N PRO A 337 22.12 -1.43 -5.57
CA PRO A 337 23.26 -1.37 -6.47
C PRO A 337 24.46 -0.53 -6.03
N TYR A 338 24.35 0.25 -4.95
CA TYR A 338 25.46 1.09 -4.47
C TYR A 338 26.06 0.50 -3.18
N ARG A 339 25.68 -0.73 -2.85
CA ARG A 339 25.99 -1.29 -1.56
C ARG A 339 27.45 -1.70 -1.41
N LYS A 340 28.10 -2.00 -2.53
CA LYS A 340 29.55 -2.31 -2.57
C LYS A 340 30.44 -1.05 -2.67
N VAL A 341 29.84 0.11 -2.89
CA VAL A 341 30.53 1.35 -3.21
C VAL A 341 31.13 2.01 -1.98
N SER A 342 32.40 2.40 -2.06
CA SER A 342 33.18 2.93 -0.92
C SER A 342 33.15 4.47 -0.75
N SER A 343 32.88 5.20 -1.84
CA SER A 343 32.78 6.66 -1.78
C SER A 343 31.34 7.08 -1.45
N PRO A 344 31.18 8.12 -0.60
CA PRO A 344 29.85 8.67 -0.35
C PRO A 344 29.28 9.31 -1.59
N ILE A 345 28.00 9.08 -1.83
CA ILE A 345 27.31 9.65 -2.98
C ILE A 345 25.98 10.22 -2.49
N LEU A 346 25.89 11.54 -2.40
CA LEU A 346 24.77 12.22 -1.77
C LEU A 346 24.23 13.33 -2.63
N ILE A 347 22.92 13.54 -2.52
CA ILE A 347 22.29 14.62 -3.20
C ILE A 347 21.54 15.36 -2.13
N THR A 348 21.85 16.64 -1.99
CA THR A 348 21.09 17.52 -1.14
C THR A 348 20.29 18.48 -2.00
N PHE A 349 19.02 18.61 -1.65
CA PHE A 349 18.09 19.46 -2.37
C PHE A 349 17.85 20.71 -1.54
N ASP A 350 18.01 21.87 -2.16
CA ASP A 350 17.72 23.13 -1.55
C ASP A 350 18.52 23.30 -0.23
N PRO A 351 19.85 23.12 -0.30
CA PRO A 351 20.63 23.29 0.92
C PRO A 351 20.60 24.73 1.40
N GLN A 352 20.47 24.90 2.71
CA GLN A 352 20.41 26.24 3.32
C GLN A 352 21.82 26.71 3.62
N GLU A 353 22.58 25.95 4.41
CA GLU A 353 24.04 26.12 4.51
C GLU A 353 24.70 25.75 3.16
N ASP A 354 25.81 26.37 2.80
CA ASP A 354 26.55 25.97 1.57
C ASP A 354 27.24 24.62 1.76
N VAL A 355 27.40 23.88 0.66
CA VAL A 355 28.06 22.57 0.69
C VAL A 355 29.52 22.81 0.39
N ASP A 356 30.39 22.13 1.12
CA ASP A 356 31.86 22.19 0.92
C ASP A 356 32.20 22.06 -0.58
N PRO A 357 32.59 23.19 -1.23
CA PRO A 357 32.74 23.14 -2.69
C PRO A 357 33.86 22.22 -3.17
N GLU A 358 34.78 21.80 -2.28
CA GLU A 358 35.76 20.74 -2.61
C GLU A 358 35.17 19.34 -2.74
N ARG A 359 33.94 19.15 -2.26
CA ARG A 359 33.25 17.87 -2.30
C ARG A 359 32.03 17.82 -3.20
N VAL A 360 31.69 18.93 -3.84
CA VAL A 360 30.54 19.01 -4.75
C VAL A 360 30.89 18.45 -6.13
N ILE A 361 30.21 17.41 -6.58
CA ILE A 361 30.39 16.90 -7.94
C ILE A 361 29.70 17.80 -8.99
N VAL A 362 28.49 18.28 -8.74
CA VAL A 362 27.77 19.15 -9.71
C VAL A 362 26.45 19.66 -9.13
N ARG A 363 25.97 20.80 -9.65
CA ARG A 363 24.65 21.37 -9.33
C ARG A 363 23.74 21.38 -10.54
N ARG A 364 22.44 21.32 -10.28
CA ARG A 364 21.45 21.61 -11.32
C ARG A 364 20.35 22.44 -10.69
N GLU A 365 19.85 23.40 -11.42
CA GLU A 365 18.80 24.29 -10.94
C GLU A 365 17.60 24.10 -11.83
N TRP A 366 16.45 23.90 -11.23
CA TRP A 366 15.25 23.49 -11.94
C TRP A 366 14.08 24.17 -11.31
N LYS A 367 12.93 24.12 -11.96
CA LYS A 367 11.72 24.57 -11.33
C LYS A 367 10.61 23.55 -11.51
N LEU A 368 9.74 23.51 -10.51
CA LEU A 368 8.65 22.54 -10.39
C LEU A 368 7.35 23.26 -10.33
N PRO A 369 6.28 22.66 -10.87
CA PRO A 369 4.96 23.32 -10.82
C PRO A 369 4.27 23.19 -9.49
N GLN A 370 3.66 24.27 -9.02
CA GLN A 370 2.76 24.24 -7.85
C GLN A 370 1.52 23.45 -8.19
N LEU A 371 1.00 22.75 -7.16
CA LEU A 371 -0.07 21.78 -7.32
C LEU A 371 -1.27 22.09 -6.42
N ARG A 372 -1.54 23.37 -6.21
CA ARG A 372 -2.72 23.84 -5.46
C ARG A 372 -3.97 23.49 -6.23
N PRO A 373 -5.13 23.40 -5.54
CA PRO A 373 -6.36 23.06 -6.27
C PRO A 373 -6.60 23.95 -7.49
N VAL A 374 -6.33 25.25 -7.32
CA VAL A 374 -6.42 26.19 -8.42
C VAL A 374 -5.50 25.83 -9.61
N ASP A 375 -4.27 25.38 -9.35
CA ASP A 375 -3.34 24.97 -10.43
C ASP A 375 -3.86 23.78 -11.22
N VAL A 376 -4.48 22.83 -10.53
CA VAL A 376 -5.07 21.68 -11.20
C VAL A 376 -6.15 22.21 -12.14
N ARG A 377 -7.10 22.97 -11.60
CA ARG A 377 -8.12 23.64 -12.44
C ARG A 377 -7.51 24.31 -13.68
N ARG A 378 -6.45 25.08 -13.46
CA ARG A 378 -5.73 25.78 -14.51
C ARG A 378 -5.19 24.89 -15.61
N LYS A 379 -4.62 23.74 -15.23
CA LYS A 379 -4.10 22.71 -16.17
C LYS A 379 -5.24 22.23 -17.03
N LYS A 380 -6.32 21.75 -16.40
CA LYS A 380 -7.46 21.23 -17.13
C LYS A 380 -8.01 22.20 -18.17
N ARG A 381 -8.06 23.49 -17.82
CA ARG A 381 -8.64 24.51 -18.71
C ARG A 381 -7.86 24.61 -20.04
N LEU A 382 -6.59 24.18 -20.09
CA LEU A 382 -5.84 24.18 -21.37
C LEU A 382 -6.46 23.38 -22.55
N HIS A 383 -7.58 22.70 -22.35
CA HIS A 383 -8.20 22.02 -23.46
C HIS A 383 -8.81 22.97 -24.47
N GLU A 384 -9.29 24.12 -24.03
CA GLU A 384 -9.92 25.05 -24.97
C GLU A 384 -8.92 25.62 -26.02
N ILE A 385 -7.59 25.57 -25.77
CA ILE A 385 -6.60 25.95 -26.82
C ILE A 385 -5.86 24.81 -27.53
N GLN A 386 -6.30 23.58 -27.30
CA GLN A 386 -5.58 22.41 -27.78
C GLN A 386 -6.00 22.16 -29.25
N GLY A 387 -5.07 22.29 -30.20
CA GLY A 387 -5.37 22.09 -31.65
C GLY A 387 -5.61 23.35 -32.48
N LEU A 388 -6.13 24.39 -31.83
CA LEU A 388 -6.23 25.71 -32.42
C LEU A 388 -4.89 26.17 -32.96
N ASN A 389 -4.93 26.62 -34.23
CA ASN A 389 -3.81 27.24 -34.95
C ASN A 389 -2.67 26.28 -35.21
N GLY A 390 -3.03 25.00 -35.31
CA GLY A 390 -2.05 23.91 -35.41
C GLY A 390 -1.03 23.83 -34.29
N LEU A 391 -1.49 24.15 -33.08
CA LEU A 391 -0.70 24.06 -31.88
C LEU A 391 -1.25 22.95 -30.99
N TRP A 392 -0.32 22.24 -30.35
CA TRP A 392 -0.66 21.23 -29.35
C TRP A 392 0.25 21.42 -28.15
N PHE A 393 -0.22 20.90 -27.02
CA PHE A 393 0.46 21.07 -25.74
C PHE A 393 0.51 19.78 -24.92
N CYS A 394 1.72 19.36 -24.56
CA CYS A 394 1.92 18.32 -23.58
C CYS A 394 2.98 18.84 -22.56
N GLY A 395 3.40 17.97 -21.64
CA GLY A 395 4.31 18.35 -20.56
C GLY A 395 3.60 18.27 -19.22
N THR A 396 4.36 18.53 -18.17
CA THR A 396 3.86 18.38 -16.81
C THR A 396 2.75 19.39 -16.50
N ASP A 397 2.84 20.59 -17.09
CA ASP A 397 1.80 21.58 -16.87
C ASP A 397 0.45 21.25 -17.52
N THR A 398 0.38 20.18 -18.31
CA THR A 398 -0.91 19.78 -18.92
C THR A 398 -1.52 18.56 -18.25
N SER A 399 -0.77 17.92 -17.34
CA SER A 399 -1.13 16.59 -16.86
C SER A 399 -1.12 16.44 -15.34
N VAL A 400 -1.35 15.20 -14.91
CA VAL A 400 -1.03 14.82 -13.53
C VAL A 400 0.46 14.92 -13.35
N THR A 401 0.86 15.08 -12.08
CA THR A 401 2.28 15.28 -11.73
C THR A 401 3.04 13.97 -11.90
N GLY A 402 4.36 14.06 -11.79
CA GLY A 402 5.21 12.89 -11.95
C GLY A 402 5.48 12.58 -13.40
N HIS A 403 6.48 11.73 -13.59
CA HIS A 403 6.93 11.32 -14.89
C HIS A 403 5.91 10.53 -15.72
N GLU A 404 5.19 9.60 -15.11
CA GLU A 404 4.12 8.93 -15.82
C GLU A 404 3.18 9.94 -16.45
N GLY A 405 2.80 10.96 -15.68
CA GLY A 405 1.92 12.00 -16.18
C GLY A 405 2.53 12.77 -17.34
N ALA A 406 3.82 13.08 -17.22
CA ALA A 406 4.51 13.85 -18.24
C ALA A 406 4.46 13.08 -19.56
N ILE A 407 4.97 11.85 -19.52
CA ILE A 407 5.21 11.09 -20.73
C ILE A 407 3.90 10.64 -21.36
N VAL A 408 2.89 10.38 -20.54
CA VAL A 408 1.59 9.96 -21.07
C VAL A 408 0.88 11.13 -21.78
N SER A 409 1.07 12.36 -21.32
CA SER A 409 0.57 13.52 -22.06
C SER A 409 1.14 13.55 -23.48
N GLY A 410 2.42 13.20 -23.62
CA GLY A 410 3.07 13.05 -24.93
C GLY A 410 2.37 12.00 -25.79
N MET A 411 2.04 10.88 -25.16
CA MET A 411 1.35 9.80 -25.83
C MET A 411 -0.04 10.22 -26.26
N VAL A 412 -0.71 11.04 -25.46
CA VAL A 412 -2.06 11.51 -25.76
C VAL A 412 -2.09 12.39 -26.99
N ILE A 413 -1.10 13.28 -27.10
CA ILE A 413 -0.97 14.11 -28.30
C ILE A 413 -0.69 13.22 -29.51
N ALA A 414 0.32 12.35 -29.42
CA ALA A 414 0.62 11.45 -30.53
C ALA A 414 -0.60 10.63 -30.97
N ASP A 415 -1.40 10.13 -30.02
CA ASP A 415 -2.64 9.38 -30.34
C ASP A 415 -3.57 10.28 -31.10
N ARG A 416 -3.79 11.48 -30.57
CA ARG A 416 -4.61 12.50 -31.22
C ARG A 416 -4.12 12.87 -32.63
N LEU A 417 -2.81 12.84 -32.87
CA LEU A 417 -2.24 13.05 -34.20
C LEU A 417 -1.94 11.73 -34.92
N GLY A 418 -2.78 10.71 -34.67
CA GLY A 418 -2.74 9.48 -35.46
C GLY A 418 -2.08 8.27 -34.83
N VAL A 419 -0.97 8.47 -34.11
CA VAL A 419 -0.15 7.35 -33.59
C VAL A 419 -0.71 6.76 -32.27
N PRO A 420 -1.47 5.63 -32.33
CA PRO A 420 -2.25 5.23 -31.16
C PRO A 420 -1.42 4.82 -29.95
N HIS A 421 -2.03 4.93 -28.77
CA HIS A 421 -1.42 4.50 -27.51
C HIS A 421 -0.76 3.14 -27.70
N PRO A 422 0.59 3.07 -27.58
CA PRO A 422 1.31 1.86 -27.98
C PRO A 422 1.13 0.64 -27.09
N PHE A 423 0.46 0.74 -25.94
CA PHE A 423 0.29 -0.40 -25.04
C PHE A 423 -1.19 -0.69 -24.72
N PRO A 424 -2.02 -0.93 -25.76
CA PRO A 424 -3.48 -1.19 -25.57
C PRO A 424 -3.79 -2.46 -24.76
N ASP A 425 -2.91 -3.45 -24.90
CA ASP A 425 -3.01 -4.75 -24.28
C ASP A 425 -2.82 -4.69 -22.75
N ASP A 426 -1.99 -3.75 -22.28
CA ASP A 426 -1.69 -3.55 -20.84
C ASP A 426 -2.82 -2.74 -20.16
N ALA A 427 -3.64 -3.41 -19.35
CA ALA A 427 -4.87 -2.82 -18.82
C ALA A 427 -4.64 -1.59 -17.96
N PRO A 428 -3.68 -1.66 -17.02
CA PRO A 428 -3.40 -0.46 -16.26
C PRO A 428 -2.72 0.65 -17.08
N ALA A 429 -1.86 0.31 -18.05
CA ALA A 429 -1.26 1.33 -18.91
C ALA A 429 -2.32 2.08 -19.74
N ALA A 430 -3.26 1.31 -20.29
CA ALA A 430 -4.37 1.82 -21.08
C ALA A 430 -5.31 2.71 -20.28
N ALA A 431 -5.57 2.32 -19.03
CA ALA A 431 -6.48 3.08 -18.16
C ALA A 431 -5.85 4.41 -17.78
N GLN A 432 -4.55 4.41 -17.49
CA GLN A 432 -3.79 5.63 -17.24
C GLN A 432 -3.82 6.56 -18.43
N PHE A 433 -3.67 5.99 -19.61
CA PHE A 433 -3.79 6.76 -20.83
C PHE A 433 -5.18 7.38 -20.96
N ARG A 434 -6.23 6.57 -20.83
CA ARG A 434 -7.61 7.07 -20.87
C ARG A 434 -7.88 8.15 -19.85
N GLY A 435 -7.37 7.95 -18.64
CA GLY A 435 -7.52 8.93 -17.55
C GLY A 435 -6.84 10.24 -17.85
N ILE A 436 -5.62 10.20 -18.34
CA ILE A 436 -4.87 11.40 -18.69
C ILE A 436 -5.42 12.05 -19.96
N LYS A 437 -5.92 11.25 -20.89
CA LYS A 437 -6.61 11.78 -22.07
C LYS A 437 -7.85 12.54 -21.62
N GLU A 438 -8.55 12.02 -20.61
CA GLU A 438 -9.73 12.68 -20.05
C GLU A 438 -9.32 13.94 -19.28
N PHE A 439 -8.20 13.91 -18.56
CA PHE A 439 -7.74 15.05 -17.76
C PHE A 439 -7.43 16.27 -18.63
N MET A 440 -6.56 16.05 -19.62
CA MET A 440 -6.33 17.05 -20.67
C MET A 440 -7.65 17.01 -21.41
N GLY A 441 -8.00 17.97 -22.22
CA GLY A 441 -9.33 17.82 -22.83
C GLY A 441 -9.27 17.21 -24.20
N VAL A 442 -8.22 16.46 -24.49
CA VAL A 442 -7.92 16.04 -25.86
C VAL A 442 -8.78 14.82 -26.17
N VAL B 7 -39.74 -17.34 3.15
CA VAL B 7 -40.44 -16.22 3.83
C VAL B 7 -40.30 -16.36 5.36
N VAL B 8 -39.34 -15.63 5.92
CA VAL B 8 -39.12 -15.55 7.38
C VAL B 8 -39.72 -14.28 7.97
N GLU B 9 -40.92 -14.40 8.55
CA GLU B 9 -41.63 -13.22 9.05
C GLU B 9 -41.02 -12.69 10.34
N ALA B 10 -41.38 -11.46 10.69
CA ALA B 10 -40.85 -10.74 11.85
C ALA B 10 -41.05 -11.50 13.18
N LYS B 11 -40.34 -11.08 14.20
CA LYS B 11 -40.41 -11.64 15.56
C LYS B 11 -40.47 -13.18 15.68
N SER B 12 -39.73 -13.89 14.80
CA SER B 12 -39.57 -15.34 14.92
C SER B 12 -38.54 -15.66 16.00
N ARG B 13 -38.66 -16.82 16.62
CA ARG B 13 -37.68 -17.30 17.61
C ARG B 13 -36.46 -17.86 16.83
N ILE B 14 -35.27 -17.25 17.02
CA ILE B 14 -34.07 -17.62 16.27
C ILE B 14 -32.88 -17.93 17.16
N ALA B 15 -32.23 -19.06 16.90
CA ALA B 15 -31.02 -19.46 17.61
C ALA B 15 -29.78 -19.19 16.75
N VAL B 16 -28.74 -18.66 17.40
CA VAL B 16 -27.44 -18.58 16.79
C VAL B 16 -26.54 -19.52 17.55
N VAL B 17 -26.03 -20.51 16.82
CA VAL B 17 -25.20 -21.56 17.39
C VAL B 17 -23.77 -21.21 17.12
N GLY B 18 -23.04 -20.85 18.18
CA GLY B 18 -21.65 -20.38 18.06
C GLY B 18 -21.49 -18.89 18.28
N GLY B 19 -20.68 -18.51 19.28
CA GLY B 19 -20.50 -17.10 19.66
C GLY B 19 -19.15 -16.50 19.32
N GLY B 20 -18.60 -16.86 18.17
CA GLY B 20 -17.42 -16.21 17.66
C GLY B 20 -17.82 -14.86 17.07
N GLY B 21 -16.92 -14.27 16.29
CA GLY B 21 -17.23 -13.02 15.62
C GLY B 21 -18.48 -13.07 14.78
N SER B 22 -18.56 -14.09 13.93
CA SER B 22 -19.68 -14.24 12.96
C SER B 22 -20.98 -14.35 13.72
N GLY B 23 -21.04 -15.27 14.70
CA GLY B 23 -22.25 -15.50 15.49
C GLY B 23 -22.72 -14.28 16.26
N SER B 24 -21.81 -13.74 17.07
CA SER B 24 -22.09 -12.55 17.86
C SER B 24 -22.64 -11.39 17.02
N VAL B 25 -21.98 -11.05 15.93
CA VAL B 25 -22.47 -9.97 15.07
C VAL B 25 -23.84 -10.36 14.52
N ALA B 26 -23.95 -11.58 14.01
CA ALA B 26 -25.24 -12.06 13.48
C ALA B 26 -26.37 -11.96 14.51
N ALA B 27 -26.11 -12.42 15.74
CA ALA B 27 -27.07 -12.32 16.84
C ALA B 27 -27.47 -10.87 17.13
N TRP B 28 -26.45 -10.04 17.34
CA TRP B 28 -26.60 -8.61 17.59
C TRP B 28 -27.55 -7.91 16.62
N LEU B 29 -27.40 -8.19 15.35
CA LEU B 29 -28.26 -7.58 14.33
C LEU B 29 -29.63 -8.23 14.34
N LEU B 30 -29.67 -9.54 14.45
CA LEU B 30 -30.93 -10.27 14.43
C LEU B 30 -31.85 -9.85 15.59
N ALA B 31 -31.26 -9.57 16.76
CA ALA B 31 -32.02 -9.15 17.95
C ALA B 31 -32.81 -7.84 17.78
N ARG B 32 -32.52 -7.08 16.74
CA ARG B 32 -33.29 -5.90 16.43
C ARG B 32 -34.68 -6.21 15.87
N ARG B 33 -34.88 -7.43 15.35
CA ARG B 33 -36.13 -7.83 14.72
C ARG B 33 -36.74 -9.11 15.26
N HIS B 34 -35.99 -9.90 16.02
CA HIS B 34 -36.34 -11.30 16.28
C HIS B 34 -36.03 -11.63 17.74
N ASP B 35 -36.64 -12.70 18.26
CA ASP B 35 -36.30 -13.12 19.60
C ASP B 35 -35.13 -14.09 19.50
N VAL B 36 -33.95 -13.59 19.83
CA VAL B 36 -32.69 -14.27 19.53
C VAL B 36 -32.13 -14.89 20.78
N THR B 37 -31.61 -16.10 20.66
CA THR B 37 -30.73 -16.70 21.67
C THR B 37 -29.44 -17.13 20.99
N LEU B 38 -28.33 -16.97 21.69
CA LEU B 38 -27.00 -17.23 21.17
C LEU B 38 -26.30 -18.20 22.09
N PHE B 39 -26.03 -19.40 21.59
CA PHE B 39 -25.33 -20.42 22.37
C PHE B 39 -23.85 -20.39 22.03
N GLU B 40 -23.02 -20.25 23.06
CA GLU B 40 -21.57 -20.33 22.92
C GLU B 40 -21.00 -21.40 23.86
N ALA B 41 -20.19 -22.29 23.30
CA ALA B 41 -19.59 -23.38 24.04
C ALA B 41 -18.67 -22.95 25.17
N ASP B 42 -17.75 -22.01 24.88
CA ASP B 42 -16.70 -21.62 25.84
C ASP B 42 -17.27 -20.50 26.75
N GLU B 43 -16.41 -19.98 27.64
CA GLU B 43 -16.77 -19.00 28.71
C GLU B 43 -16.67 -17.52 28.35
N TYR B 44 -16.64 -17.18 27.05
CA TYR B 44 -16.54 -15.81 26.56
C TYR B 44 -17.05 -15.73 25.15
N LEU B 45 -17.26 -14.51 24.69
CA LEU B 45 -17.72 -14.28 23.33
C LEU B 45 -16.54 -13.86 22.47
N GLY B 46 -16.39 -14.46 21.28
CA GLY B 46 -15.28 -14.11 20.37
C GLY B 46 -14.53 -15.19 19.65
N GLY B 47 -14.45 -16.38 20.26
CA GLY B 47 -13.89 -17.54 19.63
C GLY B 47 -12.40 -17.35 19.43
N HIS B 48 -11.99 -17.30 18.16
CA HIS B 48 -10.60 -16.98 17.83
C HIS B 48 -10.19 -15.56 18.25
N ALA B 49 -11.17 -14.67 18.33
CA ALA B 49 -10.99 -13.37 18.95
C ALA B 49 -10.97 -13.47 20.47
N TYR B 50 -9.77 -13.55 21.04
CA TYR B 50 -9.57 -13.72 22.47
C TYR B 50 -8.49 -12.79 22.95
N SER B 51 -8.77 -12.14 24.07
CA SER B 51 -7.85 -11.19 24.64
C SER B 51 -7.60 -11.60 26.07
N HIS B 52 -6.36 -11.96 26.39
CA HIS B 52 -6.01 -12.44 27.71
C HIS B 52 -5.38 -11.36 28.57
N PRO B 53 -5.90 -11.15 29.80
CA PRO B 53 -5.32 -10.16 30.71
C PRO B 53 -3.93 -10.55 31.18
N VAL B 54 -3.00 -9.61 31.10
CA VAL B 54 -1.66 -9.79 31.60
C VAL B 54 -1.39 -8.64 32.54
N GLU B 55 -0.85 -8.99 33.70
CA GLU B 55 -0.61 -8.06 34.76
C GLU B 55 0.80 -7.56 34.62
N THR B 56 0.93 -6.25 34.55
CA THR B 56 2.18 -5.64 34.25
C THR B 56 2.38 -4.43 35.15
N ASP B 57 3.56 -3.86 35.06
CA ASP B 57 3.92 -2.67 35.86
C ASP B 57 3.19 -1.41 35.42
N GLN B 58 2.57 -1.43 34.23
CA GLN B 58 1.69 -0.32 33.83
C GLN B 58 0.18 -0.58 34.04
N GLY B 59 -0.18 -1.73 34.59
CA GLY B 59 -1.58 -2.09 34.81
C GLY B 59 -1.90 -3.46 34.27
N THR B 60 -3.17 -3.63 33.86
CA THR B 60 -3.65 -4.85 33.27
C THR B 60 -3.78 -4.58 31.77
N LEU B 61 -3.13 -5.41 30.96
CA LEU B 61 -3.23 -5.32 29.51
C LEU B 61 -3.93 -6.52 28.94
N HIS B 62 -4.83 -6.30 28.00
CA HIS B 62 -5.51 -7.38 27.31
C HIS B 62 -4.77 -7.69 26.01
N VAL B 63 -4.18 -8.87 25.94
CA VAL B 63 -3.31 -9.29 24.84
C VAL B 63 -4.02 -10.22 23.84
N ASP B 64 -4.16 -9.77 22.59
CA ASP B 64 -4.80 -10.57 21.55
C ASP B 64 -3.94 -11.81 21.24
N MET B 65 -4.56 -13.00 21.30
CA MET B 65 -3.84 -14.29 21.14
C MET B 65 -4.18 -15.00 19.88
N GLY B 66 -5.33 -14.67 19.27
CA GLY B 66 -5.72 -15.24 17.99
C GLY B 66 -5.88 -14.10 17.03
N VAL B 67 -7.09 -13.60 16.92
CA VAL B 67 -7.38 -12.44 16.06
C VAL B 67 -6.72 -11.25 16.72
N GLN B 68 -5.89 -10.58 15.94
CA GLN B 68 -5.08 -9.42 16.36
C GLN B 68 -5.18 -8.22 15.41
N HIS B 69 -5.10 -8.45 14.11
CA HIS B 69 -4.86 -7.43 13.10
C HIS B 69 -5.95 -7.28 12.06
N PHE B 70 -6.19 -6.03 11.66
CA PHE B 70 -7.10 -5.70 10.55
C PHE B 70 -6.72 -4.29 10.08
N ASN B 71 -7.34 -3.79 9.01
CA ASN B 71 -7.22 -2.36 8.71
C ASN B 71 -8.46 -1.78 8.05
N GLU B 72 -8.57 -0.46 8.07
CA GLU B 72 -9.72 0.25 7.55
C GLU B 72 -10.10 -0.06 6.07
N LYS B 73 -9.11 -0.39 5.25
CA LYS B 73 -9.33 -0.67 3.84
C LYS B 73 -9.81 -2.08 3.63
N LEU B 74 -9.18 -3.02 4.32
CA LEU B 74 -9.50 -4.46 4.22
C LEU B 74 -10.75 -4.90 5.02
N SER B 75 -11.02 -4.18 6.09
CA SER B 75 -11.99 -4.57 7.09
C SER B 75 -12.93 -3.40 7.41
N PRO B 76 -13.55 -2.78 6.37
CA PRO B 76 -14.39 -1.59 6.59
C PRO B 76 -15.54 -1.75 7.58
N ASN B 77 -16.27 -2.85 7.49
CA ASN B 77 -17.40 -3.12 8.40
C ASN B 77 -16.96 -3.28 9.85
N LEU B 78 -15.92 -4.06 10.07
CA LEU B 78 -15.34 -4.21 11.41
C LEU B 78 -14.86 -2.87 11.92
N PHE B 79 -14.20 -2.11 11.07
CA PHE B 79 -13.68 -0.82 11.46
C PHE B 79 -14.76 0.15 11.82
N ARG B 80 -15.83 0.16 11.06
CA ARG B 80 -16.94 1.03 11.37
C ARG B 80 -17.60 0.64 12.65
N LEU B 81 -17.72 -0.64 12.90
CA LEU B 81 -18.34 -1.12 14.09
C LEU B 81 -17.55 -0.66 15.29
N LEU B 82 -16.23 -0.76 15.25
CA LEU B 82 -15.43 -0.33 16.37
C LEU B 82 -15.59 1.14 16.58
N THR B 83 -15.61 1.87 15.49
CA THR B 83 -15.80 3.31 15.55
C THR B 83 -17.12 3.65 16.25
N ASP B 84 -18.24 3.13 15.74
CA ASP B 84 -19.57 3.35 16.38
C ASP B 84 -19.62 2.98 17.87
N PHE B 85 -18.89 1.96 18.28
CA PHE B 85 -18.80 1.57 19.69
C PHE B 85 -17.80 2.43 20.49
N GLY B 86 -17.19 3.41 19.81
CA GLY B 86 -16.17 4.24 20.42
C GLY B 86 -14.88 3.53 20.78
N ILE B 87 -14.48 2.54 19.99
CA ILE B 87 -13.25 1.80 20.24
C ILE B 87 -12.20 2.32 19.29
N GLY B 88 -11.10 2.81 19.87
CA GLY B 88 -10.00 3.26 19.04
C GLY B 88 -9.23 2.13 18.38
N THR B 89 -8.36 2.50 17.46
CA THR B 89 -7.39 1.58 16.91
C THR B 89 -6.01 2.22 16.92
N TYR B 90 -5.00 1.41 16.63
CA TYR B 90 -3.65 1.91 16.44
C TYR B 90 -2.86 1.09 15.43
N VAL B 91 -1.90 1.73 14.77
CA VAL B 91 -1.12 1.06 13.74
C VAL B 91 -0.11 0.12 14.41
N ALA B 92 0.08 -1.05 13.80
CA ALA B 92 0.95 -2.09 14.33
C ALA B 92 1.71 -2.68 13.14
N PRO B 93 2.74 -1.96 12.67
CA PRO B 93 3.34 -2.30 11.38
C PRO B 93 3.90 -3.72 11.34
N SER B 94 3.73 -4.45 10.23
CA SER B 94 4.21 -5.82 10.18
C SER B 94 5.67 -5.87 9.74
N SER B 95 6.54 -5.54 10.70
CA SER B 95 7.98 -5.76 10.55
C SER B 95 8.26 -7.24 10.82
N VAL B 96 9.13 -7.82 10.01
CA VAL B 96 9.33 -9.26 9.95
C VAL B 96 10.80 -9.55 9.87
N HIS B 97 11.23 -10.46 10.74
CA HIS B 97 12.56 -11.00 10.70
C HIS B 97 12.53 -12.54 10.60
N VAL B 98 13.30 -13.08 9.65
CA VAL B 98 13.44 -14.52 9.45
C VAL B 98 14.86 -14.96 9.79
N ASP B 99 14.99 -15.97 10.68
CA ASP B 99 16.28 -16.57 11.04
C ASP B 99 16.26 -18.02 10.64
N PHE B 100 17.33 -18.44 9.98
CA PHE B 100 17.61 -19.85 9.72
C PHE B 100 18.93 -20.29 10.37
N PRO B 101 19.14 -21.61 10.49
CA PRO B 101 20.24 -22.21 11.24
C PRO B 101 21.62 -21.64 11.11
N GLY B 102 22.08 -21.32 9.92
CA GLY B 102 23.50 -20.86 9.78
C GLY B 102 23.90 -19.58 10.52
N GLU B 103 25.15 -19.16 10.38
CA GLU B 103 25.50 -17.82 10.88
C GLU B 103 24.97 -16.75 9.91
N GLN B 104 24.25 -15.78 10.49
CA GLN B 104 23.65 -14.65 9.76
C GLN B 104 22.76 -15.07 8.59
N GLN B 105 22.04 -16.17 8.78
CA GLN B 105 21.13 -16.68 7.77
C GLN B 105 19.76 -16.05 7.99
N SER B 106 19.66 -14.75 7.70
CA SER B 106 18.43 -13.99 7.93
C SER B 106 18.12 -13.00 6.83
N TRP B 107 16.85 -12.64 6.78
CA TRP B 107 16.42 -11.43 6.11
C TRP B 107 15.38 -10.76 7.00
N ASN B 108 15.11 -9.51 6.68
CA ASN B 108 14.04 -8.79 7.35
C ASN B 108 13.61 -7.75 6.37
N ASN B 109 12.49 -7.10 6.67
CA ASN B 109 11.89 -6.10 5.78
C ASN B 109 12.01 -4.64 6.30
N LEU B 110 13.02 -4.39 7.13
CA LEU B 110 13.37 -3.04 7.59
C LEU B 110 14.70 -2.55 7.03
N ASP B 111 15.66 -3.45 6.91
CA ASP B 111 16.94 -3.14 6.31
C ASP B 111 17.32 -4.26 5.35
N PHE B 112 18.45 -4.06 4.66
CA PHE B 112 18.95 -5.07 3.72
C PHE B 112 20.04 -5.97 4.30
N LEU B 113 20.12 -6.09 5.62
CA LEU B 113 21.11 -6.99 6.19
C LEU B 113 20.68 -8.45 6.14
N GLY B 114 21.72 -9.31 6.13
CA GLY B 114 21.60 -10.77 6.18
C GLY B 114 22.08 -11.53 4.94
N GLU B 115 22.61 -12.73 5.17
CA GLU B 115 23.02 -13.61 4.09
C GLU B 115 21.84 -14.12 3.23
N LEU B 116 20.65 -14.33 3.81
CA LEU B 116 19.51 -14.74 2.98
C LEU B 116 19.00 -13.59 2.11
N ARG B 117 19.04 -12.38 2.65
CA ARG B 117 18.72 -11.19 1.85
C ARG B 117 19.67 -11.13 0.65
N GLU B 118 20.97 -11.28 0.91
CA GLU B 118 21.99 -11.31 -0.15
C GLU B 118 21.65 -12.45 -1.15
N GLU B 119 21.27 -13.63 -0.66
CA GLU B 119 20.98 -14.77 -1.51
C GLU B 119 19.73 -14.56 -2.35
N LEU B 120 18.73 -13.84 -1.82
CA LEU B 120 17.38 -13.81 -2.43
C LEU B 120 16.86 -12.45 -2.89
N HIS B 121 17.65 -11.37 -2.76
CA HIS B 121 17.16 -10.02 -3.05
C HIS B 121 16.48 -9.92 -4.41
N GLU B 122 17.18 -10.36 -5.45
CA GLU B 122 16.66 -10.33 -6.83
C GLU B 122 15.25 -10.95 -6.93
N GLU B 123 15.01 -12.03 -6.20
CA GLU B 123 13.74 -12.73 -6.24
C GLU B 123 12.62 -12.01 -5.47
N PHE B 124 12.95 -11.45 -4.31
CA PHE B 124 12.03 -10.54 -3.60
C PHE B 124 11.57 -9.37 -4.50
N ASP B 125 12.56 -8.77 -5.15
CA ASP B 125 12.35 -7.63 -6.02
C ASP B 125 11.39 -8.00 -7.16
N ARG B 126 11.69 -9.08 -7.88
CA ARG B 126 10.82 -9.58 -8.94
C ARG B 126 9.45 -9.94 -8.41
N PHE B 127 9.42 -10.55 -7.23
CA PHE B 127 8.15 -11.07 -6.73
C PHE B 127 7.12 -9.95 -6.51
N HIS B 128 7.59 -8.83 -5.96
CA HIS B 128 6.73 -7.66 -5.75
C HIS B 128 6.09 -7.15 -7.02
N GLN B 129 6.91 -7.02 -8.05
CA GLN B 129 6.46 -6.57 -9.35
C GLN B 129 5.35 -7.48 -9.85
N GLU B 130 5.66 -8.77 -9.90
CA GLU B 130 4.74 -9.73 -10.45
C GLU B 130 3.44 -9.79 -9.64
N MET B 131 3.49 -9.65 -8.32
CA MET B 131 2.23 -9.64 -7.57
C MET B 131 1.44 -8.37 -7.84
N ASN B 132 2.12 -7.25 -8.03
CA ASN B 132 1.44 -6.00 -8.35
C ASN B 132 0.79 -6.03 -9.72
N GLN B 133 1.38 -6.78 -10.66
CA GLN B 133 0.84 -6.86 -12.03
C GLN B 133 -0.29 -7.87 -12.23
N LEU B 134 -0.40 -8.85 -11.34
CA LEU B 134 -1.41 -9.93 -11.44
C LEU B 134 -2.88 -9.47 -11.50
N PRO B 135 -3.38 -8.75 -10.44
CA PRO B 135 -4.84 -8.45 -10.41
C PRO B 135 -5.37 -7.59 -11.58
N THR B 136 -4.50 -7.25 -12.55
CA THR B 136 -4.84 -6.41 -13.69
C THR B 136 -4.38 -7.12 -15.00
N SER B 137 -5.07 -8.21 -15.37
CA SER B 137 -4.71 -9.05 -16.53
C SER B 137 -5.94 -9.39 -17.39
N LYS B 143 -5.53 -17.69 -13.97
CA LYS B 143 -4.78 -17.56 -12.70
C LYS B 143 -5.54 -18.06 -11.44
N GLN B 144 -6.11 -19.28 -11.53
CA GLN B 144 -6.69 -20.05 -10.36
C GLN B 144 -5.88 -21.23 -9.94
N MET B 145 -4.67 -20.87 -9.56
CA MET B 145 -3.63 -21.76 -9.08
C MET B 145 -3.30 -21.39 -7.65
N SER B 146 -2.39 -22.14 -7.06
CA SER B 146 -1.93 -21.88 -5.73
C SER B 146 -0.71 -20.98 -5.86
N ILE B 147 -0.32 -20.37 -4.75
CA ILE B 147 0.93 -19.62 -4.72
C ILE B 147 2.12 -20.51 -5.09
N GLY B 148 2.14 -21.72 -4.55
CA GLY B 148 3.18 -22.74 -4.83
C GLY B 148 3.36 -23.02 -6.31
N GLU B 149 2.25 -23.35 -6.99
CA GLU B 149 2.22 -23.57 -8.46
C GLU B 149 2.85 -22.39 -9.17
N TYR B 150 2.37 -21.19 -8.84
CA TYR B 150 2.84 -19.95 -9.45
C TYR B 150 4.34 -19.86 -9.34
N LEU B 151 4.85 -20.10 -8.14
CA LEU B 151 6.27 -19.94 -7.90
C LEU B 151 7.10 -20.92 -8.73
N ASP B 152 6.65 -22.18 -8.76
CA ASP B 152 7.27 -23.23 -9.60
C ASP B 152 7.21 -22.82 -11.07
N LYS B 153 6.00 -22.54 -11.53
CA LYS B 153 5.79 -22.12 -12.90
C LYS B 153 6.62 -20.88 -13.29
N HIS B 154 6.90 -19.94 -12.38
CA HIS B 154 7.61 -18.71 -12.79
C HIS B 154 9.09 -18.61 -12.35
N GLY B 155 9.76 -19.75 -12.23
CA GLY B 155 11.21 -19.77 -12.16
C GLY B 155 11.81 -19.49 -10.82
N TYR B 156 10.99 -19.49 -9.76
CA TYR B 156 11.50 -19.12 -8.45
C TYR B 156 12.21 -20.29 -7.80
N SER B 157 13.27 -19.98 -7.04
CA SER B 157 14.03 -21.00 -6.34
C SER B 157 13.26 -21.66 -5.20
N LYS B 158 13.69 -22.86 -4.83
CA LYS B 158 13.11 -23.58 -3.72
C LYS B 158 13.50 -22.88 -2.43
N SER B 159 14.71 -22.32 -2.38
CA SER B 159 15.16 -21.49 -1.26
C SER B 159 14.17 -20.31 -0.98
N PHE B 160 13.77 -19.63 -2.04
CA PHE B 160 12.76 -18.59 -1.94
C PHE B 160 11.43 -19.16 -1.45
N LYS B 161 10.96 -20.27 -2.02
CA LYS B 161 9.69 -20.89 -1.56
C LYS B 161 9.66 -21.18 -0.07
N TYR B 162 10.73 -21.77 0.45
CA TYR B 162 10.73 -22.28 1.82
C TYR B 162 11.44 -21.38 2.83
N LYS B 163 12.34 -20.49 2.40
CA LYS B 163 13.00 -19.54 3.33
C LYS B 163 12.44 -18.12 3.32
N ALA B 164 11.55 -17.80 2.39
CA ALA B 164 10.92 -16.49 2.37
C ALA B 164 9.40 -16.63 2.32
N MET B 165 8.86 -17.19 1.24
CA MET B 165 7.41 -17.21 1.04
C MET B 165 6.64 -17.94 2.15
N ASN B 166 7.08 -19.14 2.50
CA ASN B 166 6.38 -19.95 3.49
C ASN B 166 6.49 -19.33 4.90
N PRO B 167 7.67 -18.83 5.30
CA PRO B 167 7.72 -18.11 6.59
C PRO B 167 6.87 -16.85 6.65
N ILE B 168 6.90 -16.00 5.62
CA ILE B 168 6.11 -14.79 5.70
C ILE B 168 4.62 -15.13 5.67
N LEU B 169 4.24 -16.17 4.94
CA LEU B 169 2.83 -16.62 4.95
C LEU B 169 2.37 -17.22 6.26
N SER B 170 3.30 -17.60 7.13
CA SER B 170 2.95 -18.10 8.48
C SER B 170 2.36 -17.01 9.39
N ILE B 171 2.63 -15.73 9.06
CA ILE B 171 1.98 -14.61 9.76
C ILE B 171 0.46 -14.76 9.72
N TYR B 172 -0.07 -15.28 8.61
CA TYR B 172 -1.51 -15.60 8.48
C TYR B 172 -1.94 -17.01 8.93
N SER B 173 -1.23 -18.02 8.43
CA SER B 173 -1.77 -19.40 8.36
C SER B 173 -1.40 -20.31 9.52
N GLY B 174 -0.46 -19.88 10.37
CA GLY B 174 0.18 -20.72 11.38
C GLY B 174 1.32 -21.50 10.76
N CYS B 175 2.38 -21.74 11.52
CA CYS B 175 3.57 -22.46 11.00
C CYS B 175 3.35 -23.93 10.63
N HIS B 176 2.20 -24.52 11.02
CA HIS B 176 1.80 -25.86 10.57
C HIS B 176 1.17 -25.91 9.19
N ALA B 177 0.72 -24.76 8.66
CA ALA B 177 -0.06 -24.76 7.43
C ALA B 177 0.72 -25.10 6.17
N PRO B 178 0.06 -25.77 5.20
CA PRO B 178 0.58 -25.91 3.83
C PRO B 178 0.29 -24.63 3.01
N SER B 179 0.81 -23.50 3.50
CA SER B 179 0.50 -22.19 2.97
C SER B 179 0.80 -22.13 1.47
N LEU B 180 1.86 -22.81 1.02
CA LEU B 180 2.20 -22.80 -0.40
C LEU B 180 1.10 -23.42 -1.29
N ASP B 181 0.21 -24.24 -0.72
CA ASP B 181 -0.91 -24.78 -1.49
C ASP B 181 -2.12 -23.82 -1.51
N TYR B 182 -2.05 -22.69 -0.78
CA TYR B 182 -3.19 -21.74 -0.70
C TYR B 182 -3.29 -20.83 -1.91
N ASN B 183 -4.49 -20.30 -2.07
CA ASN B 183 -4.88 -19.61 -3.29
C ASN B 183 -3.93 -18.42 -3.64
N LEU B 184 -3.64 -18.26 -4.93
CA LEU B 184 -2.65 -17.26 -5.36
C LEU B 184 -3.12 -15.82 -5.15
N MET B 185 -4.40 -15.53 -5.48
CA MET B 185 -4.92 -14.17 -5.33
C MET B 185 -4.90 -13.64 -3.91
N TYR B 186 -5.11 -14.54 -2.96
CA TYR B 186 -4.92 -14.26 -1.53
C TYR B 186 -3.56 -13.68 -1.25
N VAL B 187 -2.54 -14.30 -1.82
CA VAL B 187 -1.17 -13.83 -1.64
C VAL B 187 -0.90 -12.58 -2.47
N ALA B 188 -1.32 -12.59 -3.73
CA ALA B 188 -1.04 -11.44 -4.60
C ALA B 188 -1.65 -10.20 -4.02
N LEU B 189 -2.92 -10.27 -3.63
CA LEU B 189 -3.56 -9.13 -2.95
C LEU B 189 -2.81 -8.68 -1.71
N SER B 190 -2.45 -9.62 -0.84
CA SER B 190 -1.69 -9.27 0.36
C SER B 190 -0.44 -8.46 0.03
N PHE B 191 0.22 -8.73 -1.08
CA PHE B 191 1.42 -8.00 -1.47
C PHE B 191 1.09 -6.65 -2.09
N SER B 192 0.09 -6.62 -2.97
CA SER B 192 -0.31 -5.36 -3.59
C SER B 192 -1.06 -4.39 -2.67
N MET B 193 -1.59 -4.87 -1.54
CA MET B 193 -2.20 -4.00 -0.56
C MET B 193 -1.26 -3.64 0.60
N ASN B 194 0.05 -3.87 0.46
CA ASN B 194 1.01 -3.63 1.54
C ASN B 194 0.58 -4.26 2.87
N LEU B 195 0.11 -5.51 2.84
CA LEU B 195 -0.15 -6.28 4.07
C LEU B 195 1.05 -7.16 4.40
N LEU B 196 1.58 -7.84 3.38
CA LEU B 196 2.84 -8.57 3.46
C LEU B 196 3.81 -7.90 2.48
N SER B 197 5.09 -7.88 2.86
CA SER B 197 6.10 -7.23 2.06
C SER B 197 7.48 -7.65 2.48
N PHE B 198 8.37 -7.72 1.49
CA PHE B 198 9.77 -7.96 1.71
C PHE B 198 10.58 -6.67 1.79
N PHE B 199 9.97 -5.51 1.53
CA PHE B 199 10.74 -4.23 1.57
C PHE B 199 10.28 -3.18 2.62
N SER B 200 9.12 -3.38 3.21
CA SER B 200 8.56 -2.46 4.18
C SER B 200 7.67 -3.24 5.16
N ALA B 201 7.34 -2.61 6.27
CA ALA B 201 6.41 -3.16 7.22
C ALA B 201 4.99 -2.95 6.74
N GLY B 202 4.18 -3.96 6.81
CA GLY B 202 2.83 -3.87 6.26
C GLY B 202 1.95 -3.04 7.17
N TYR B 203 0.92 -2.43 6.59
CA TYR B 203 0.00 -1.55 7.29
C TYR B 203 -1.15 -2.32 7.92
N TRP B 204 -1.07 -2.47 9.24
CA TRP B 204 -2.07 -3.22 10.01
C TRP B 204 -2.42 -2.47 11.25
N ARG B 205 -3.64 -2.65 11.73
CA ARG B 205 -4.09 -2.04 12.98
C ARG B 205 -4.47 -3.08 14.02
N LYS B 206 -4.46 -2.66 15.28
CA LYS B 206 -4.99 -3.40 16.41
C LYS B 206 -6.05 -2.55 17.08
N ALA B 207 -6.94 -3.18 17.85
CA ALA B 207 -7.99 -2.45 18.58
C ALA B 207 -7.55 -2.10 20.00
N GLN B 208 -7.99 -0.93 20.49
CA GLN B 208 -7.63 -0.43 21.84
C GLN B 208 -8.17 -1.38 22.92
N GLY B 209 -7.31 -1.76 23.85
CA GLY B 209 -7.68 -2.69 24.91
C GLY B 209 -8.08 -4.09 24.47
N GLY B 210 -7.54 -4.53 23.32
CA GLY B 210 -7.75 -5.85 22.78
C GLY B 210 -8.93 -5.89 21.84
N ILE B 211 -9.01 -6.97 21.07
CA ILE B 211 -10.12 -7.19 20.15
C ILE B 211 -11.42 -7.49 20.89
N HIS B 212 -11.32 -8.00 22.12
CA HIS B 212 -12.49 -8.33 22.93
C HIS B 212 -13.44 -7.18 23.18
N SER B 213 -12.91 -5.95 23.20
CA SER B 213 -13.70 -4.74 23.43
C SER B 213 -15.02 -4.72 22.66
N TYR B 214 -14.99 -5.01 21.36
CA TYR B 214 -16.23 -4.92 20.60
C TYR B 214 -17.18 -6.05 21.00
N LEU B 215 -16.61 -7.19 21.32
CA LEU B 215 -17.39 -8.35 21.68
C LEU B 215 -18.01 -8.18 23.04
N ALA B 216 -17.25 -7.59 23.98
CA ALA B 216 -17.81 -7.20 25.30
C ALA B 216 -18.98 -6.26 25.12
N ARG B 217 -18.87 -5.32 24.19
CA ARG B 217 -19.97 -4.39 23.96
C ARG B 217 -21.15 -5.17 23.39
N ILE B 218 -20.92 -6.07 22.44
CA ILE B 218 -22.02 -6.88 21.91
C ILE B 218 -22.66 -7.73 23.01
N GLU B 219 -21.84 -8.30 23.89
CA GLU B 219 -22.33 -9.16 25.01
C GLU B 219 -23.28 -8.38 25.91
N SER B 220 -22.87 -7.18 26.30
CA SER B 220 -23.70 -6.27 27.06
C SER B 220 -25.02 -5.98 26.35
N ASP B 221 -24.99 -5.53 25.11
CA ASP B 221 -26.23 -5.23 24.36
C ASP B 221 -27.16 -6.45 24.22
N LEU B 222 -26.62 -7.66 24.23
CA LEU B 222 -27.47 -8.85 24.06
C LEU B 222 -28.03 -9.32 25.40
N GLY B 223 -27.32 -9.02 26.48
CA GLY B 223 -27.80 -9.32 27.82
C GLY B 223 -27.94 -10.81 28.02
N GLU B 224 -29.06 -11.20 28.62
CA GLU B 224 -29.27 -12.61 28.98
C GLU B 224 -29.71 -13.49 27.78
N ARG B 225 -29.87 -12.90 26.58
CA ARG B 225 -29.93 -13.68 25.32
C ARG B 225 -28.64 -14.50 25.00
N VAL B 226 -27.53 -14.20 25.65
CA VAL B 226 -26.28 -14.90 25.44
C VAL B 226 -26.14 -16.00 26.49
N ARG B 227 -26.06 -17.24 26.01
CA ARG B 227 -25.80 -18.37 26.89
C ARG B 227 -24.38 -18.83 26.76
N LEU B 228 -23.51 -18.36 27.65
CA LEU B 228 -22.12 -18.85 27.71
C LEU B 228 -22.05 -20.22 28.34
N ASN B 229 -20.95 -20.91 28.11
CA ASN B 229 -20.73 -22.25 28.65
C ASN B 229 -21.86 -23.22 28.33
N THR B 230 -22.49 -23.05 27.18
CA THR B 230 -23.68 -23.82 26.82
C THR B 230 -23.48 -24.46 25.44
N PRO B 231 -22.61 -25.49 25.36
CA PRO B 231 -22.34 -26.10 24.07
C PRO B 231 -23.55 -26.83 23.55
N VAL B 232 -24.06 -26.41 22.39
CA VAL B 232 -25.13 -27.12 21.72
C VAL B 232 -24.68 -28.54 21.43
N GLU B 233 -25.50 -29.52 21.87
CA GLU B 233 -25.25 -30.94 21.64
C GLU B 233 -25.83 -31.39 20.30
N ALA B 234 -27.01 -30.90 19.92
CA ALA B 234 -27.57 -31.22 18.58
C ALA B 234 -28.66 -30.26 18.11
N VAL B 235 -28.94 -30.31 16.80
CA VAL B 235 -29.89 -29.39 16.16
C VAL B 235 -30.76 -30.17 15.18
N VAL B 236 -32.06 -30.23 15.46
CA VAL B 236 -32.96 -31.12 14.71
C VAL B 236 -34.15 -30.37 14.11
N PRO B 237 -34.16 -30.20 12.79
CA PRO B 237 -35.39 -29.69 12.17
C PRO B 237 -36.57 -30.68 12.37
N THR B 238 -37.78 -30.13 12.53
CA THR B 238 -39.04 -30.89 12.63
C THR B 238 -40.07 -30.18 11.74
N GLN B 239 -41.31 -30.67 11.74
CA GLN B 239 -42.40 -30.04 11.00
C GLN B 239 -42.76 -28.65 11.53
N SER B 240 -42.71 -28.45 12.85
CA SER B 240 -43.13 -27.18 13.47
C SER B 240 -42.04 -26.12 13.37
N GLY B 241 -40.84 -26.49 13.79
CA GLY B 241 -39.67 -25.63 13.65
C GLY B 241 -38.38 -26.41 13.81
N VAL B 242 -37.43 -25.87 14.57
CA VAL B 242 -36.16 -26.53 14.81
C VAL B 242 -35.91 -26.61 16.31
N THR B 243 -35.46 -27.78 16.74
CA THR B 243 -35.22 -28.05 18.12
C THR B 243 -33.70 -28.09 18.34
N VAL B 244 -33.25 -27.43 19.40
CA VAL B 244 -31.85 -27.33 19.74
C VAL B 244 -31.70 -27.95 21.10
N LEU B 245 -30.74 -28.86 21.23
CA LEU B 245 -30.50 -29.55 22.50
C LEU B 245 -29.21 -29.01 23.08
N ALA B 246 -29.34 -28.26 24.19
CA ALA B 246 -28.19 -27.69 24.85
C ALA B 246 -28.38 -27.52 26.34
N GLY B 247 -27.36 -27.92 27.11
CA GLY B 247 -27.31 -27.75 28.56
C GLY B 247 -28.36 -28.59 29.26
N GLY B 248 -28.46 -29.85 28.84
CA GLY B 248 -29.47 -30.79 29.32
C GLY B 248 -30.93 -30.35 29.21
N GLN B 249 -31.28 -29.60 28.17
CA GLN B 249 -32.65 -29.14 27.93
C GLN B 249 -32.92 -29.05 26.43
N GLU B 250 -34.19 -28.99 26.03
CA GLU B 250 -34.57 -28.73 24.64
C GLU B 250 -35.27 -27.37 24.52
N HIS B 251 -34.87 -26.59 23.52
CA HIS B 251 -35.45 -25.27 23.22
C HIS B 251 -36.02 -25.33 21.82
N HIS B 252 -37.02 -24.50 21.53
CA HIS B 252 -37.77 -24.57 20.27
C HIS B 252 -37.68 -23.27 19.50
N PHE B 253 -37.28 -23.34 18.24
CA PHE B 253 -37.04 -22.15 17.43
C PHE B 253 -37.70 -22.28 16.06
N ASP B 254 -38.01 -21.14 15.45
CA ASP B 254 -38.50 -21.07 14.08
C ASP B 254 -37.34 -21.26 13.09
N GLN B 255 -36.20 -20.61 13.34
CA GLN B 255 -35.00 -20.67 12.50
C GLN B 255 -33.76 -20.97 13.34
N VAL B 256 -32.71 -21.50 12.69
CA VAL B 256 -31.41 -21.65 13.34
C VAL B 256 -30.25 -21.23 12.45
N VAL B 257 -29.43 -20.33 12.98
CA VAL B 257 -28.24 -19.83 12.29
C VAL B 257 -27.04 -20.51 12.92
N PHE B 258 -26.27 -21.18 12.07
CA PHE B 258 -25.01 -21.79 12.46
C PHE B 258 -23.89 -20.77 12.28
N ALA B 259 -23.08 -20.58 13.33
CA ALA B 259 -21.85 -19.80 13.24
C ALA B 259 -20.66 -20.61 13.75
N THR B 260 -20.73 -21.93 13.51
CA THR B 260 -19.71 -22.87 13.95
C THR B 260 -19.00 -23.39 12.74
N HIS B 261 -17.84 -23.97 13.00
CA HIS B 261 -17.03 -24.51 11.92
C HIS B 261 -17.83 -25.65 11.27
N ALA B 262 -17.64 -25.85 9.98
CA ALA B 262 -18.30 -26.95 9.26
C ALA B 262 -18.24 -28.32 9.95
N ASP B 263 -17.08 -28.73 10.45
CA ASP B 263 -16.99 -30.06 11.07
C ASP B 263 -17.81 -30.15 12.37
N VAL B 264 -17.92 -29.03 13.08
CA VAL B 264 -18.83 -28.90 14.22
C VAL B 264 -20.28 -28.86 13.73
N THR B 265 -20.57 -27.92 12.82
CA THR B 265 -21.89 -27.81 12.19
C THR B 265 -22.42 -29.18 11.77
N LEU B 266 -21.58 -30.02 11.19
CA LEU B 266 -21.97 -31.36 10.72
C LEU B 266 -22.25 -32.33 11.85
N ARG B 267 -21.40 -32.40 12.85
CA ARG B 267 -21.62 -33.28 14.00
C ARG B 267 -22.94 -32.96 14.71
N LEU B 268 -23.19 -31.67 14.92
CA LEU B 268 -24.36 -31.19 15.68
C LEU B 268 -25.64 -31.41 14.94
N LEU B 269 -25.59 -31.10 13.66
CA LEU B 269 -26.76 -31.19 12.83
C LEU B 269 -27.04 -32.65 12.63
N ARG B 270 -28.29 -33.05 12.74
CA ARG B 270 -28.69 -34.39 12.35
C ARG B 270 -30.00 -34.40 11.53
N THR B 271 -29.88 -34.74 10.24
CA THR B 271 -30.96 -34.79 9.25
C THR B 271 -30.86 -36.13 8.48
N SER B 272 -31.98 -36.59 7.91
CA SER B 272 -31.97 -37.75 6.98
C SER B 272 -31.15 -37.53 5.68
N ASP B 273 -30.99 -36.27 5.31
CA ASP B 273 -30.29 -35.80 4.10
C ASP B 273 -28.75 -36.06 4.10
N GLN B 274 -28.23 -36.44 2.94
CA GLN B 274 -26.80 -36.78 2.77
C GLN B 274 -26.07 -35.83 1.79
N GLN B 275 -26.75 -34.79 1.30
CA GLN B 275 -26.07 -33.64 0.71
C GLN B 275 -25.38 -32.86 1.84
N TYR B 276 -26.00 -32.83 3.03
CA TYR B 276 -25.38 -32.17 4.18
C TYR B 276 -23.99 -32.79 4.43
N ARG B 277 -23.92 -34.12 4.42
CA ARG B 277 -22.64 -34.85 4.47
C ARG B 277 -21.73 -34.48 3.26
N ASP B 278 -22.27 -34.49 2.06
CA ASP B 278 -21.52 -34.11 0.85
C ASP B 278 -20.82 -32.75 0.94
N LEU B 279 -21.44 -31.76 1.60
CA LEU B 279 -20.95 -30.37 1.59
C LEU B 279 -20.05 -30.04 2.78
N LEU B 280 -20.46 -30.46 3.97
CA LEU B 280 -19.74 -30.16 5.20
C LEU B 280 -18.65 -31.18 5.57
N GLY B 281 -18.58 -32.30 4.85
CA GLY B 281 -17.68 -33.40 5.21
C GLY B 281 -16.21 -33.18 4.92
N ASP B 282 -15.90 -32.52 3.80
CA ASP B 282 -14.55 -32.50 3.26
C ASP B 282 -13.79 -31.18 3.58
N PHE B 283 -14.22 -30.45 4.61
CA PHE B 283 -13.54 -29.23 5.03
C PHE B 283 -12.26 -29.58 5.74
N ALA B 284 -11.18 -28.89 5.38
CA ALA B 284 -9.86 -29.19 5.93
C ALA B 284 -9.39 -28.07 6.83
N TYR B 285 -8.68 -28.44 7.89
CA TYR B 285 -8.23 -27.49 8.88
C TYR B 285 -6.76 -27.67 9.21
N VAL B 286 -6.25 -26.76 10.02
CA VAL B 286 -4.87 -26.73 10.44
C VAL B 286 -4.86 -26.40 11.92
N PRO B 287 -4.09 -27.16 12.71
CA PRO B 287 -3.96 -26.76 14.11
C PRO B 287 -3.00 -25.57 14.31
N VAL B 288 -3.33 -24.75 15.30
CA VAL B 288 -2.46 -23.66 15.76
C VAL B 288 -2.45 -23.65 17.26
N GLU B 289 -1.25 -23.53 17.82
CA GLU B 289 -1.05 -23.36 19.25
C GLU B 289 -0.53 -21.94 19.40
N SER B 290 -1.20 -21.16 20.25
CA SER B 290 -0.80 -19.81 20.59
C SER B 290 -0.35 -19.83 22.04
N VAL B 291 0.93 -19.59 22.28
CA VAL B 291 1.51 -19.64 23.62
C VAL B 291 1.92 -18.23 24.08
N LEU B 292 1.19 -17.68 25.04
CA LEU B 292 1.50 -16.36 25.57
C LEU B 292 2.53 -16.57 26.68
N HIS B 293 3.68 -15.91 26.58
CA HIS B 293 4.77 -16.17 27.51
C HIS B 293 5.74 -14.99 27.68
N GLN B 294 6.65 -15.13 28.65
CA GLN B 294 7.64 -14.11 28.98
C GLN B 294 9.07 -14.61 28.91
N ASP B 295 9.29 -15.73 28.21
CA ASP B 295 10.63 -16.27 27.99
C ASP B 295 11.28 -15.50 26.87
N GLU B 296 12.09 -14.50 27.26
CA GLU B 296 12.86 -13.64 26.32
C GLU B 296 13.86 -14.40 25.43
N SER B 297 14.12 -15.69 25.70
CA SER B 297 15.04 -16.47 24.87
C SER B 297 14.52 -16.68 23.44
N TRP B 298 13.20 -16.58 23.24
CA TRP B 298 12.62 -16.71 21.90
C TRP B 298 12.78 -15.51 20.98
N LEU B 299 13.26 -14.38 21.51
CA LEU B 299 13.60 -13.22 20.67
C LEU B 299 14.88 -13.47 19.92
N SER B 300 14.95 -12.96 18.70
CA SER B 300 16.13 -13.15 17.88
C SER B 300 17.19 -12.13 18.27
N PRO B 301 18.46 -12.58 18.43
CA PRO B 301 19.53 -11.63 18.76
C PRO B 301 19.75 -10.59 17.66
N ALA B 302 19.67 -11.04 16.41
CA ALA B 302 19.66 -10.14 15.25
C ALA B 302 18.35 -9.34 15.18
N GLY B 303 17.23 -10.05 15.02
CA GLY B 303 15.90 -9.46 14.86
C GLY B 303 15.50 -8.56 16.00
N GLY B 304 15.85 -7.28 15.83
CA GLY B 304 15.77 -6.30 16.91
C GLY B 304 14.36 -5.87 17.21
N GLY B 305 13.96 -4.77 16.58
CA GLY B 305 12.63 -4.22 16.79
C GLY B 305 11.59 -4.83 15.88
N ALA B 306 11.74 -6.10 15.52
CA ALA B 306 10.83 -6.69 14.56
C ALA B 306 9.67 -7.26 15.33
N TYR B 307 8.45 -6.99 14.86
CA TYR B 307 7.25 -7.42 15.57
C TYR B 307 7.11 -8.94 15.42
N CYS B 308 7.12 -9.40 14.17
CA CYS B 308 7.06 -10.81 13.82
C CYS B 308 8.47 -11.38 13.64
N GLN B 309 8.77 -12.48 14.33
CA GLN B 309 10.08 -13.11 14.25
C GLN B 309 9.94 -14.61 14.03
N PHE B 310 10.34 -15.05 12.86
CA PHE B 310 10.29 -16.47 12.49
C PHE B 310 11.66 -17.09 12.74
N ARG B 311 11.66 -18.25 13.40
CA ARG B 311 12.89 -19.05 13.55
C ARG B 311 12.64 -20.44 13.02
N MET B 312 13.54 -20.91 12.14
CA MET B 312 13.62 -22.34 11.80
C MET B 312 14.70 -22.99 12.67
N PRO B 313 14.40 -24.17 13.24
CA PRO B 313 15.38 -24.81 14.12
C PRO B 313 16.54 -25.49 13.40
N GLU B 314 17.61 -25.76 14.16
CA GLU B 314 18.78 -26.52 13.64
C GLU B 314 18.23 -27.86 13.13
N GLY B 315 18.77 -28.34 12.02
CA GLY B 315 18.25 -29.54 11.38
C GLY B 315 17.47 -29.28 10.11
N PHE B 316 17.44 -28.05 9.64
CA PHE B 316 16.68 -27.74 8.44
C PHE B 316 17.38 -28.33 7.23
N GLU B 317 16.65 -29.08 6.41
CA GLU B 317 17.22 -29.67 5.19
C GLU B 317 16.32 -29.30 4.04
N LEU B 318 16.86 -28.55 3.07
CA LEU B 318 16.03 -28.06 1.98
C LEU B 318 15.32 -29.18 1.24
N ALA B 319 15.98 -30.34 1.15
CA ALA B 319 15.38 -31.49 0.50
C ALA B 319 14.16 -32.01 1.25
N ARG B 320 14.16 -31.91 2.58
CA ARG B 320 13.00 -32.29 3.39
C ARG B 320 12.13 -31.08 3.80
N ALA B 321 12.07 -30.06 2.94
CA ALA B 321 11.45 -28.79 3.33
C ALA B 321 9.98 -28.91 3.70
N GLU B 322 9.26 -29.83 3.07
CA GLU B 322 7.79 -29.95 3.22
C GLU B 322 7.39 -30.55 4.57
N GLU B 323 8.27 -31.32 5.21
CA GLU B 323 7.97 -31.87 6.53
C GLU B 323 8.28 -30.87 7.64
N GLN B 324 9.35 -30.11 7.44
CA GLN B 324 9.89 -29.28 8.51
C GLN B 324 9.16 -27.95 8.64
N MET B 325 9.27 -27.34 9.80
CA MET B 325 8.50 -26.16 10.10
C MET B 325 9.07 -25.45 11.30
N GLY B 326 8.87 -24.14 11.29
CA GLY B 326 9.42 -23.24 12.29
C GLY B 326 8.38 -22.77 13.27
N SER B 327 8.76 -21.74 13.99
CA SER B 327 7.86 -21.09 14.92
C SER B 327 7.92 -19.59 14.69
N LEU B 328 6.77 -18.94 14.81
CA LEU B 328 6.68 -17.49 14.71
C LEU B 328 6.49 -16.92 16.11
N THR B 329 7.25 -15.90 16.44
CA THR B 329 7.13 -15.25 17.74
C THR B 329 6.82 -13.79 17.50
N ARG B 330 5.86 -13.26 18.25
CA ARG B 330 5.55 -11.84 18.20
C ARG B 330 6.05 -11.11 19.43
N ASN B 331 6.83 -10.05 19.21
CA ASN B 331 7.30 -9.20 20.30
C ASN B 331 6.31 -8.06 20.52
N CYS B 332 5.38 -8.27 21.44
CA CYS B 332 4.36 -7.29 21.75
C CYS B 332 4.90 -6.03 22.38
N ASN B 333 6.10 -6.10 22.97
CA ASN B 333 6.75 -4.92 23.56
C ASN B 333 7.06 -3.82 22.54
N VAL B 334 7.01 -4.14 21.25
CA VAL B 334 7.19 -3.20 20.16
C VAL B 334 5.91 -2.41 19.82
N LEU B 335 4.80 -2.81 20.38
CA LEU B 335 3.56 -2.11 20.11
C LEU B 335 3.52 -0.86 20.95
N HIS B 336 2.81 0.13 20.44
CA HIS B 336 2.84 1.46 20.99
C HIS B 336 2.32 1.49 22.46
N PRO B 337 1.13 0.95 22.70
CA PRO B 337 0.64 0.91 24.08
C PRO B 337 1.43 0.07 25.07
N TYR B 338 2.43 -0.72 24.62
CA TYR B 338 3.23 -1.58 25.49
C TYR B 338 4.64 -0.99 25.69
N ARG B 339 4.84 0.24 25.24
CA ARG B 339 6.16 0.81 25.17
C ARG B 339 6.73 1.21 26.52
N LYS B 340 5.85 1.51 27.49
CA LYS B 340 6.25 1.77 28.89
C LYS B 340 6.36 0.52 29.75
N VAL B 341 5.97 -0.63 29.22
CA VAL B 341 5.88 -1.89 29.96
C VAL B 341 7.26 -2.53 30.06
N SER B 342 7.65 -2.96 31.26
CA SER B 342 9.01 -3.50 31.50
C SER B 342 9.12 -5.05 31.48
N SER B 343 7.99 -5.73 31.62
CA SER B 343 7.94 -7.20 31.52
C SER B 343 7.75 -7.65 30.09
N PRO B 344 8.47 -8.70 29.66
CA PRO B 344 8.33 -9.21 28.30
C PRO B 344 6.97 -9.81 28.10
N ILE B 345 6.37 -9.53 26.95
CA ILE B 345 5.05 -10.06 26.59
C ILE B 345 5.15 -10.60 25.18
N LEU B 346 5.20 -11.92 25.06
CA LEU B 346 5.49 -12.60 23.81
C LEU B 346 4.47 -13.68 23.52
N ILE B 347 4.17 -13.84 22.24
CA ILE B 347 3.34 -14.92 21.82
C ILE B 347 4.13 -15.66 20.78
N THR B 348 4.32 -16.94 21.03
CA THR B 348 4.90 -17.83 20.05
C THR B 348 3.81 -18.75 19.52
N PHE B 349 3.77 -18.88 18.20
CA PHE B 349 2.78 -19.72 17.53
C PHE B 349 3.47 -20.98 17.04
N ASP B 350 2.91 -22.13 17.40
CA ASP B 350 3.39 -23.41 16.94
C ASP B 350 4.89 -23.58 17.28
N PRO B 351 5.25 -23.40 18.56
CA PRO B 351 6.65 -23.59 18.92
C PRO B 351 7.09 -25.04 18.74
N GLN B 352 8.30 -25.21 18.21
CA GLN B 352 8.84 -26.55 17.94
C GLN B 352 9.57 -27.02 19.21
N GLU B 353 10.56 -26.26 19.66
CA GLU B 353 11.12 -26.43 21.03
C GLU B 353 10.04 -26.08 22.08
N ASP B 354 10.08 -26.69 23.26
CA ASP B 354 9.10 -26.35 24.32
C ASP B 354 9.44 -24.99 24.94
N VAL B 355 8.41 -24.30 25.41
CA VAL B 355 8.60 -22.99 26.05
C VAL B 355 8.69 -23.25 27.53
N ASP B 356 9.65 -22.57 28.19
CA ASP B 356 9.87 -22.68 29.64
C ASP B 356 8.55 -22.56 30.40
N PRO B 357 8.01 -23.68 30.92
CA PRO B 357 6.67 -23.61 31.49
C PRO B 357 6.54 -22.71 32.73
N GLU B 358 7.65 -22.32 33.34
CA GLU B 358 7.65 -21.30 34.42
C GLU B 358 7.37 -19.88 33.94
N ARG B 359 7.52 -19.66 32.63
CA ARG B 359 7.36 -18.35 32.01
C ARG B 359 6.13 -18.25 31.10
N VAL B 360 5.38 -19.34 30.96
CA VAL B 360 4.18 -19.39 30.14
C VAL B 360 3.00 -18.81 30.91
N ILE B 361 2.38 -17.76 30.38
CA ILE B 361 1.16 -17.21 30.96
C ILE B 361 -0.07 -18.09 30.63
N VAL B 362 -0.19 -18.55 29.38
CA VAL B 362 -1.35 -19.37 28.98
C VAL B 362 -1.19 -19.87 27.54
N ARG B 363 -1.83 -21.01 27.23
CA ARG B 363 -1.91 -21.57 25.88
C ARG B 363 -3.34 -21.55 25.38
N ARG B 364 -3.50 -21.46 24.07
CA ARG B 364 -4.79 -21.71 23.44
C ARG B 364 -4.52 -22.55 22.21
N GLU B 365 -5.40 -23.53 21.98
CA GLU B 365 -5.28 -24.41 20.85
C GLU B 365 -6.51 -24.20 19.99
N TRP B 366 -6.29 -24.01 18.71
CA TRP B 366 -7.34 -23.60 17.80
C TRP B 366 -7.13 -24.28 16.49
N LYS B 367 -8.13 -24.22 15.62
CA LYS B 367 -7.90 -24.65 14.26
C LYS B 367 -8.41 -23.63 13.25
N LEU B 368 -7.73 -23.61 12.11
CA LEU B 368 -7.97 -22.65 11.04
C LEU B 368 -8.32 -23.37 9.78
N PRO B 369 -9.16 -22.77 8.91
CA PRO B 369 -9.47 -23.36 7.63
C PRO B 369 -8.35 -23.25 6.59
N GLN B 370 -8.10 -24.33 5.86
CA GLN B 370 -7.22 -24.29 4.70
C GLN B 370 -7.87 -23.49 3.59
N LEU B 371 -7.03 -22.81 2.79
CA LEU B 371 -7.47 -21.85 1.80
C LEU B 371 -6.96 -22.16 0.38
N ARG B 372 -6.88 -23.47 0.07
CA ARG B 372 -6.52 -23.93 -1.28
C ARG B 372 -7.68 -23.60 -2.22
N PRO B 373 -7.40 -23.50 -3.53
CA PRO B 373 -8.48 -23.19 -4.46
C PRO B 373 -9.69 -24.10 -4.30
N VAL B 374 -9.44 -25.38 -4.09
CA VAL B 374 -10.52 -26.33 -3.81
C VAL B 374 -11.37 -25.96 -2.57
N ASP B 375 -10.74 -25.50 -1.49
CA ASP B 375 -11.48 -25.10 -0.27
C ASP B 375 -12.39 -23.91 -0.53
N VAL B 376 -11.92 -22.96 -1.33
CA VAL B 376 -12.73 -21.81 -1.70
C VAL B 376 -13.96 -22.35 -2.41
N ARG B 377 -13.76 -23.11 -3.48
CA ARG B 377 -14.88 -23.77 -4.20
C ARG B 377 -15.87 -24.42 -3.23
N ARG B 378 -15.34 -25.19 -2.28
CA ARG B 378 -16.13 -25.90 -1.28
C ARG B 378 -17.02 -24.97 -0.43
N LYS B 379 -16.46 -23.82 -0.03
CA LYS B 379 -17.17 -22.78 0.73
C LYS B 379 -18.34 -22.28 -0.08
N LYS B 380 -18.06 -21.81 -1.30
CA LYS B 380 -19.09 -21.27 -2.17
C LYS B 380 -20.26 -22.22 -2.37
N ARG B 381 -19.98 -23.51 -2.50
CA ARG B 381 -21.02 -24.52 -2.76
C ARG B 381 -22.06 -24.57 -1.62
N LEU B 382 -21.73 -24.12 -0.41
CA LEU B 382 -22.72 -24.07 0.70
C LEU B 382 -23.99 -23.25 0.46
N HIS B 383 -24.14 -22.61 -0.70
CA HIS B 383 -25.37 -21.90 -0.97
C HIS B 383 -26.53 -22.84 -1.22
N GLU B 384 -26.28 -24.01 -1.78
CA GLU B 384 -27.37 -24.93 -2.07
C GLU B 384 -28.06 -25.48 -0.79
N ILE B 385 -27.43 -25.39 0.40
CA ILE B 385 -28.16 -25.71 1.69
C ILE B 385 -28.63 -24.54 2.56
N GLN B 386 -28.52 -23.32 2.03
CA GLN B 386 -28.76 -22.14 2.83
C GLN B 386 -30.26 -21.85 2.88
N GLY B 387 -30.89 -21.94 4.06
CA GLY B 387 -32.35 -21.69 4.21
C GLY B 387 -33.25 -22.92 4.26
N LEU B 388 -32.83 -24.00 3.62
CA LEU B 388 -33.46 -25.30 3.74
C LEU B 388 -33.59 -25.71 5.21
N ASN B 389 -34.81 -26.13 5.56
CA ASN B 389 -35.18 -26.67 6.87
C ASN B 389 -35.09 -25.65 7.98
N GLY B 390 -35.24 -24.37 7.62
CA GLY B 390 -35.00 -23.27 8.54
C GLY B 390 -33.61 -23.21 9.18
N LEU B 391 -32.61 -23.61 8.40
CA LEU B 391 -31.22 -23.56 8.81
C LEU B 391 -30.49 -22.52 7.96
N TRP B 392 -29.58 -21.82 8.63
CA TRP B 392 -28.72 -20.83 7.99
C TRP B 392 -27.31 -21.03 8.48
N PHE B 393 -26.36 -20.56 7.66
CA PHE B 393 -24.94 -20.78 7.90
C PHE B 393 -24.11 -19.51 7.66
N CYS B 394 -23.39 -19.10 8.69
CA CYS B 394 -22.35 -18.09 8.57
C CYS B 394 -21.08 -18.62 9.27
N GLY B 395 -20.06 -17.80 9.35
CA GLY B 395 -18.77 -18.20 9.89
C GLY B 395 -17.70 -18.16 8.83
N THR B 396 -16.46 -18.45 9.25
CA THR B 396 -15.32 -18.36 8.37
C THR B 396 -15.38 -19.38 7.24
N ASP B 397 -15.93 -20.55 7.53
CA ASP B 397 -16.09 -21.57 6.51
C ASP B 397 -17.12 -21.26 5.42
N THR B 398 -17.86 -20.15 5.53
CA THR B 398 -18.80 -19.74 4.47
C THR B 398 -18.31 -18.52 3.69
N SER B 399 -17.19 -17.92 4.11
CA SER B 399 -16.81 -16.60 3.63
C SER B 399 -15.37 -16.48 3.14
N VAL B 400 -14.98 -15.26 2.79
CA VAL B 400 -13.57 -14.92 2.69
C VAL B 400 -12.96 -15.01 4.07
N THR B 401 -11.64 -15.21 4.08
CA THR B 401 -10.86 -15.39 5.31
C THR B 401 -10.77 -14.05 6.07
N GLY B 402 -10.26 -14.14 7.29
CA GLY B 402 -10.13 -13.01 8.15
C GLY B 402 -11.44 -12.61 8.81
N HIS B 403 -11.29 -11.70 9.77
CA HIS B 403 -12.36 -11.26 10.61
C HIS B 403 -13.45 -10.49 9.88
N GLU B 404 -13.07 -9.58 9.00
CA GLU B 404 -14.06 -8.87 8.20
C GLU B 404 -14.96 -9.88 7.48
N GLY B 405 -14.36 -10.92 6.89
CA GLY B 405 -15.13 -11.95 6.21
C GLY B 405 -16.07 -12.68 7.14
N ALA B 406 -15.58 -12.99 8.34
CA ALA B 406 -16.38 -13.74 9.30
C ALA B 406 -17.62 -12.94 9.65
N ILE B 407 -17.40 -11.72 10.11
CA ILE B 407 -18.47 -10.93 10.71
C ILE B 407 -19.45 -10.45 9.63
N VAL B 408 -18.96 -10.20 8.42
CA VAL B 408 -19.84 -9.79 7.33
C VAL B 408 -20.76 -10.95 6.87
N SER B 409 -20.30 -12.19 6.95
CA SER B 409 -21.18 -13.33 6.71
C SER B 409 -22.37 -13.31 7.67
N GLY B 410 -22.10 -12.95 8.93
CA GLY B 410 -23.16 -12.75 9.92
C GLY B 410 -24.15 -11.69 9.50
N MET B 411 -23.63 -10.61 8.96
CA MET B 411 -24.45 -9.51 8.49
C MET B 411 -25.29 -9.91 7.31
N VAL B 412 -24.75 -10.77 6.46
CA VAL B 412 -25.46 -11.23 5.26
C VAL B 412 -26.67 -12.10 5.63
N ILE B 413 -26.50 -12.97 6.61
CA ILE B 413 -27.62 -13.74 7.14
C ILE B 413 -28.66 -12.80 7.76
N ALA B 414 -28.25 -11.92 8.66
CA ALA B 414 -29.18 -10.96 9.26
C ALA B 414 -29.94 -10.15 8.20
N ASP B 415 -29.27 -9.71 7.15
CA ASP B 415 -29.94 -8.98 6.05
C ASP B 415 -30.98 -9.88 5.41
N ARG B 416 -30.57 -11.09 5.08
CA ARG B 416 -31.47 -12.10 4.53
C ARG B 416 -32.67 -12.42 5.44
N LEU B 417 -32.50 -12.35 6.76
CA LEU B 417 -33.59 -12.51 7.72
C LEU B 417 -34.14 -11.16 8.18
N GLY B 418 -34.14 -10.16 7.28
CA GLY B 418 -34.86 -8.92 7.50
C GLY B 418 -34.04 -7.71 7.91
N VAL B 419 -33.01 -7.90 8.74
CA VAL B 419 -32.24 -6.78 9.33
C VAL B 419 -31.16 -6.25 8.37
N PRO B 420 -31.43 -5.13 7.65
CA PRO B 420 -30.53 -4.76 6.54
C PRO B 420 -29.12 -4.37 6.99
N HIS B 421 -28.16 -4.53 6.07
CA HIS B 421 -26.77 -4.13 6.30
C HIS B 421 -26.71 -2.77 6.96
N PRO B 422 -26.22 -2.71 8.22
CA PRO B 422 -26.35 -1.50 9.02
C PRO B 422 -25.50 -0.30 8.59
N PHE B 423 -24.60 -0.44 7.62
CA PHE B 423 -23.76 0.67 7.19
C PHE B 423 -23.85 0.97 5.69
N PRO B 424 -25.07 1.25 5.19
CA PRO B 424 -25.27 1.53 3.74
C PRO B 424 -24.55 2.77 3.21
N ASP B 425 -24.43 3.78 4.08
CA ASP B 425 -23.81 5.05 3.71
C ASP B 425 -22.26 5.01 3.73
N ASP B 426 -21.65 3.95 4.27
CA ASP B 426 -20.20 3.69 4.12
C ASP B 426 -19.95 2.87 2.82
N ALA B 427 -19.42 3.52 1.80
CA ALA B 427 -19.30 2.92 0.46
C ALA B 427 -18.43 1.68 0.41
N PRO B 428 -17.25 1.71 1.06
CA PRO B 428 -16.47 0.49 1.09
C PRO B 428 -17.07 -0.61 2.00
N ALA B 429 -17.73 -0.23 3.10
CA ALA B 429 -18.40 -1.25 3.93
C ALA B 429 -19.51 -1.98 3.17
N ALA B 430 -20.30 -1.18 2.43
CA ALA B 430 -21.40 -1.68 1.60
C ALA B 430 -20.93 -2.59 0.47
N ALA B 431 -19.81 -2.22 -0.15
CA ALA B 431 -19.26 -2.99 -1.26
C ALA B 431 -18.74 -4.36 -0.77
N GLN B 432 -18.07 -4.36 0.38
CA GLN B 432 -17.66 -5.59 1.05
C GLN B 432 -18.82 -6.50 1.38
N PHE B 433 -19.90 -5.90 1.86
CA PHE B 433 -21.11 -6.64 2.12
C PHE B 433 -21.66 -7.25 0.83
N ARG B 434 -21.82 -6.44 -0.22
CA ARG B 434 -22.29 -6.95 -1.52
C ARG B 434 -21.43 -8.06 -2.07
N GLY B 435 -20.11 -7.89 -1.96
CA GLY B 435 -19.16 -8.90 -2.39
C GLY B 435 -19.29 -10.23 -1.65
N ILE B 436 -19.39 -10.16 -0.33
CA ILE B 436 -19.54 -11.35 0.50
C ILE B 436 -20.94 -11.97 0.37
N LYS B 437 -21.94 -11.12 0.15
CA LYS B 437 -23.29 -11.63 -0.16
C LYS B 437 -23.25 -12.43 -1.46
N GLU B 438 -22.48 -11.94 -2.44
CA GLU B 438 -22.30 -12.63 -3.71
C GLU B 438 -21.49 -13.91 -3.53
N PHE B 439 -20.48 -13.91 -2.66
CA PHE B 439 -19.61 -15.07 -2.43
C PHE B 439 -20.40 -16.24 -1.87
N MET B 440 -21.08 -15.99 -0.76
CA MET B 440 -22.04 -16.95 -0.21
C MET B 440 -23.13 -16.91 -1.27
N GLY B 441 -24.03 -17.85 -1.33
CA GLY B 441 -25.00 -17.71 -2.41
C GLY B 441 -26.28 -17.07 -1.95
N VAL B 442 -26.21 -16.26 -0.89
CA VAL B 442 -27.42 -15.82 -0.21
C VAL B 442 -27.95 -14.61 -0.96
PA FAD C . 11.03 19.06 -18.23
O1A FAD C . 11.53 20.35 -17.56
O2A FAD C . 11.55 17.69 -17.79
O5B FAD C . 11.56 19.16 -19.75
C5B FAD C . 11.15 20.17 -20.67
C4B FAD C . 12.32 20.57 -21.58
O4B FAD C . 11.94 21.78 -22.27
C3B FAD C . 13.65 20.84 -20.86
O3B FAD C . 14.67 19.86 -21.16
C2B FAD C . 14.03 22.28 -21.25
O2B FAD C . 15.41 22.55 -21.54
C1B FAD C . 13.18 22.46 -22.49
N9A FAD C . 13.08 23.89 -22.88
C8A FAD C . 12.87 25.00 -22.14
N7A FAD C . 12.85 26.12 -22.91
C5A FAD C . 13.06 25.68 -24.17
C6A FAD C . 13.19 26.27 -25.53
N6A FAD C . 13.07 27.60 -25.74
N1A FAD C . 13.41 25.44 -26.57
C2A FAD C . 13.53 24.11 -26.45
N3A FAD C . 13.42 23.52 -25.27
C4A FAD C . 13.21 24.23 -24.13
N1 FAD C . 9.00 12.99 -11.20
C2 FAD C . 8.91 11.71 -10.82
O2 FAD C . 7.94 11.05 -11.25
N3 FAD C . 9.77 11.14 -9.99
C4 FAD C . 10.78 11.80 -9.45
O4 FAD C . 11.58 11.21 -8.64
C4X FAD C . 10.91 13.22 -9.83
N5 FAD C . 11.90 13.97 -9.35
C5X FAD C . 12.04 15.22 -9.72
C6 FAD C . 13.11 15.88 -9.17
C7 FAD C . 13.37 17.19 -9.47
C7M FAD C . 14.55 17.83 -8.80
C8 FAD C . 12.46 17.88 -10.42
C8M FAD C . 12.72 19.32 -10.70
C9 FAD C . 11.37 17.22 -10.99
C9A FAD C . 11.11 15.90 -10.65
N10 FAD C . 10.05 15.12 -11.16
C10 FAD C . 9.94 13.79 -10.75
C1' FAD C . 9.03 15.67 -12.06
C2' FAD C . 9.46 15.88 -13.48
O2' FAD C . 9.20 17.26 -13.71
C3' FAD C . 8.66 15.00 -14.41
O3' FAD C . 8.82 13.63 -13.98
C4' FAD C . 9.05 15.14 -15.89
O4' FAD C . 10.46 14.97 -16.12
C5' FAD C . 8.66 16.49 -16.49
O5' FAD C . 9.00 16.44 -17.85
P FAD C . 8.59 17.61 -18.83
O1P FAD C . 7.11 17.85 -18.71
O2P FAD C . 9.07 17.03 -20.14
O3P FAD C . 9.41 18.97 -18.39
CA CA D . 10.77 10.74 26.77
CBG CWH E . -5.29 13.60 -7.44
CAZ CWH E . -4.34 14.27 -8.45
CBA CWH E . -3.87 15.53 -7.97
OBD CWH E . -4.59 16.23 -7.27
CBB CWH E . -2.57 15.98 -8.30
CBE CWH E . -2.38 17.50 -8.16
CBC CWH E . -2.26 15.56 -9.74
OBF CWH E . -0.95 16.00 -10.14
OBH CWH E . -2.35 14.12 -9.86
CAY CWH E . -3.09 13.38 -8.79
CAV CWH E . -3.43 11.96 -9.26
CAU CWH E . -2.22 10.96 -9.32
OAW CWH E . -2.28 10.26 -10.60
CAX CWH E . -3.12 9.17 -10.80
OBI CWH E . -2.69 8.05 -11.04
CBJ CWH E . -4.65 9.40 -10.77
CAT CWH E . -0.82 11.58 -9.23
CAS CWH E . 0.02 11.07 -8.01
CAQ CWH E . 1.51 11.48 -8.33
CAR CWH E . 2.01 10.74 -9.60
CAP CWH E . 2.48 11.19 -7.18
CAO CWH E . 3.83 12.01 -7.26
CAM CWH E . 4.71 11.75 -8.52
OAN CWH E . 4.72 10.37 -8.82
CAL CWH E . 6.21 11.98 -8.46
CAK CWH E . 6.71 13.08 -7.52
CAI CWH E . 8.27 12.81 -7.47
CAJ CWH E . 8.59 11.57 -6.52
CAH CWH E . 9.09 14.12 -7.24
CAG CWH E . 10.49 13.87 -6.54
NAF CWH E . 11.14 15.15 -6.14
CAD CWH E . 12.31 15.14 -5.48
OAE CWH E . 12.95 14.10 -5.23
CAB CWH E . 12.89 16.52 -5.09
CAC CWH E . 13.22 16.52 -3.60
OAA CWH E . 12.00 17.61 -5.36
PA FAD F . -14.64 -18.67 15.52
O1A FAD F . -13.67 -19.82 15.62
O2A FAD F . -14.25 -17.26 15.95
O5B FAD F . -16.00 -19.02 16.29
C5B FAD F . -16.48 -20.34 16.43
C4B FAD F . -17.23 -20.42 17.75
O4B FAD F . -18.04 -21.59 17.72
C3B FAD F . -16.31 -20.54 18.99
O3B FAD F . -16.62 -19.50 19.92
C2B FAD F . -16.61 -21.93 19.56
O2B FAD F . -16.55 -22.14 20.98
C1B FAD F . -18.03 -22.10 19.06
N9A FAD F . -18.52 -23.49 19.21
C8A FAD F . -17.86 -24.65 19.01
N7A FAD F . -18.67 -25.70 19.27
C5A FAD F . -19.86 -25.18 19.65
C6A FAD F . -21.17 -25.68 20.08
N6A FAD F . -21.39 -26.99 20.16
N1A FAD F . -22.16 -24.81 20.41
C2A FAD F . -21.99 -23.48 20.33
N3A FAD F . -20.83 -22.96 19.95
C4A FAD F . -19.75 -23.73 19.62
N1 FAD F . -8.39 -12.95 11.33
C2 FAD F . -7.98 -11.66 11.14
O2 FAD F . -8.61 -10.87 10.38
N3 FAD F . -6.88 -11.16 11.74
C4 FAD F . -6.10 -11.91 12.54
O4 FAD F . -5.09 -11.44 13.08
C4X FAD F . -6.48 -13.31 12.77
N5 FAD F . -5.73 -14.08 13.57
C5X FAD F . -6.02 -15.35 13.83
C6 FAD F . -5.18 -16.05 14.70
C7 FAD F . -5.44 -17.37 15.03
C7M FAD F . -4.50 -18.09 15.97
C8 FAD F . -6.64 -18.02 14.47
C8M FAD F . -6.90 -19.45 14.82
C9 FAD F . -7.51 -17.32 13.60
C9A FAD F . -7.24 -15.97 13.24
N10 FAD F . -8.06 -15.17 12.38
C10 FAD F . -7.70 -13.83 12.12
C1' FAD F . -9.22 -15.72 11.71
C2' FAD F . -10.43 -15.97 12.55
O2' FAD F . -10.77 -17.30 12.24
C3' FAD F . -11.53 -15.04 12.10
O3' FAD F . -11.07 -13.70 12.22
C4' FAD F . -12.78 -15.19 12.95
O4' FAD F . -12.58 -14.92 14.35
C5' FAD F . -13.40 -16.57 12.80
O5' FAD F . -14.73 -16.31 13.19
P FAD F . -15.84 -17.38 13.27
O1P FAD F . -16.22 -17.78 11.89
O2P FAD F . -16.90 -16.86 14.22
O3P FAD F . -15.07 -18.63 13.97
CBG CWH G . -8.60 -13.61 -3.29
CAZ CWH G . -9.45 -14.24 -2.16
CBA CWH G . -8.97 -15.53 -1.78
OBD CWH G . -8.57 -16.31 -2.65
CBB CWH G . -8.96 -15.90 -0.39
CBE CWH G . -8.77 -17.40 -0.06
CBC CWH G . -10.27 -15.42 0.19
OBF CWH G . -10.37 -15.89 1.51
OBH CWH G . -10.29 -13.97 0.11
CAY CWH G . -9.39 -13.36 -0.92
CAV CWH G . -9.86 -11.92 -1.10
CAU CWH G . -9.37 -11.02 0.10
OAW CWH G . -10.54 -10.36 0.70
CAX CWH G . -10.99 -9.24 0.07
OBI CWH G . -10.48 -8.14 0.22
CBJ CWH G . -12.20 -9.44 -0.87
CAT CWH G . -8.67 -11.80 1.23
CAS CWH G . -7.79 -10.86 2.04
CAQ CWH G . -7.50 -11.56 3.43
CAR CWH G . -8.77 -11.50 4.29
CAP CWH G . -6.33 -10.85 4.06
CAO CWH G . -5.72 -11.40 5.37
CAM CWH G . -6.66 -11.77 6.54
OAN CWH G . -7.63 -10.75 6.71
CAL CWH G . -5.92 -11.69 7.84
CAK CWH G . -5.43 -13.07 8.28
CAI CWH G . -4.91 -12.91 9.76
CAJ CWH G . -3.88 -11.72 9.85
CAH CWH G . -4.49 -14.29 10.36
CAG CWH G . -3.47 -14.17 11.56
NAF CWH G . -2.92 -15.46 12.07
CAD CWH G . -1.95 -15.47 13.04
OAE CWH G . -1.53 -14.44 13.59
CAB CWH G . -1.38 -16.85 13.49
CAC CWH G . 0.11 -16.96 13.17
OAA CWH G . -2.06 -17.96 12.91
C1 GOL H . 14.30 -4.88 27.48
O1 GOL H . 15.40 -5.80 27.62
C2 GOL H . 13.10 -5.39 28.31
O2 GOL H . 13.32 -5.20 29.73
C3 GOL H . 11.76 -4.75 27.87
O3 GOL H . 10.67 -5.70 27.93
#